data_3U94
#
_entry.id   3U94
#
_cell.length_a   89.155
_cell.length_b   111.374
_cell.length_c   129.851
_cell.angle_alpha   90.00
_cell.angle_beta   90.00
_cell.angle_gamma   90.00
#
_symmetry.space_group_name_H-M   'P 21 21 2'
#
loop_
_entity.id
_entity.type
_entity.pdbx_description
1 polymer 'Glutamate receptor, ionotropic kainate 3'
2 non-polymer 'GLUTAMIC ACID'
3 non-polymer 'ZINC ION'
4 non-polymer 'SULFATE ION'
5 non-polymer 'CHLORIDE ION'
6 water water
#
_entity_poly.entity_id   1
_entity_poly.type   'polypeptide(L)'
_entity_poly.pdbx_seq_one_letter_code
;GSNRSLIVTTLLEEPFVMFRKSDRTLYGNDRFEGYCIDLLKELAHILGFSYEIRLVEDGKYGAQDDKGQWNGMVKELIDH
KADLAVAPLTITHVREKAIDFSKPFMTLGVSILYRKGTPIDSADDLAKQTKIEYGAVKDGATMTFFKKSKISTFEKMWAF
MSSKPSALVKNNEEGIQRTLTADYALLMESTTIEYITQRNCNLTQIGGLIDSKGYGIGTPMGSPYRDKITIAILQLQEED
KLHIMKEKWWRGSGCPE
;
_entity_poly.pdbx_strand_id   A,B,C,D
#
loop_
_chem_comp.id
_chem_comp.type
_chem_comp.name
_chem_comp.formula
CL non-polymer 'CHLORIDE ION' 'Cl -1'
SO4 non-polymer 'SULFATE ION' 'O4 S -2'
ZN non-polymer 'ZINC ION' 'Zn 2'
#
# COMPACT_ATOMS: atom_id res chain seq x y z
N ASN A 3 29.83 17.16 11.96
CA ASN A 3 29.81 17.66 10.59
C ASN A 3 28.84 16.86 9.71
N ARG A 4 28.89 15.54 9.79
CA ARG A 4 27.99 14.67 9.02
C ARG A 4 26.66 14.38 9.73
N SER A 5 26.46 14.93 10.92
CA SER A 5 25.14 14.90 11.53
C SER A 5 24.14 15.51 10.58
N LEU A 6 22.93 14.96 10.56
CA LEU A 6 21.89 15.54 9.73
C LEU A 6 21.27 16.74 10.47
N ILE A 7 20.94 17.76 9.70
CA ILE A 7 20.23 18.94 10.23
C ILE A 7 18.74 18.69 10.03
N VAL A 8 17.97 18.76 11.11
CA VAL A 8 16.55 18.54 11.02
C VAL A 8 15.82 19.84 11.25
N THR A 9 14.99 20.25 10.30
CA THR A 9 14.20 21.46 10.51
C THR A 9 12.83 21.02 11.02
N THR A 10 12.21 21.81 11.91
CA THR A 10 10.90 21.47 12.46
C THR A 10 10.28 22.75 13.02
N LEU A 11 9.10 22.65 13.62
CA LEU A 11 8.52 23.80 14.37
C LEU A 11 7.72 23.30 15.55
N LEU A 12 7.36 24.21 16.46
CA LEU A 12 6.59 23.86 17.63
C LEU A 12 5.13 23.68 17.26
N GLU A 13 4.59 22.52 17.61
CA GLU A 13 3.22 22.23 17.25
C GLU A 13 2.80 21.05 18.08
N GLU A 14 1.96 21.32 19.07
CA GLU A 14 1.49 20.32 20.01
C GLU A 14 0.54 19.33 19.31
N PRO A 15 0.72 18.01 19.56
CA PRO A 15 1.68 17.34 20.45
C PRO A 15 2.86 16.74 19.65
N PHE A 16 3.17 17.33 18.52
CA PHE A 16 4.20 16.75 17.64
C PHE A 16 5.62 17.11 18.11
N VAL A 17 5.81 18.40 18.39
CA VAL A 17 7.08 18.95 18.84
C VAL A 17 6.80 20.06 19.85
N MET A 18 7.38 19.94 21.04
CA MET A 18 7.12 20.86 22.13
C MET A 18 8.39 20.94 22.95
N PHE A 19 8.53 22.04 23.65
CA PHE A 19 9.59 22.22 24.61
C PHE A 19 9.24 21.42 25.86
N ARG A 20 10.12 20.50 26.25
CA ARG A 20 9.95 19.72 27.45
C ARG A 20 9.87 20.64 28.67
N LYS A 21 9.09 20.27 29.68
CA LYS A 21 9.06 21.01 30.94
C LYS A 21 10.18 20.50 31.86
N SER A 22 11.02 21.42 32.32
CA SER A 22 12.06 21.06 33.28
C SER A 22 12.37 22.25 34.18
N ASP A 23 12.96 21.98 35.33
CA ASP A 23 13.40 23.05 36.23
C ASP A 23 14.76 23.54 35.75
N ARG A 24 15.64 22.59 35.41
CA ARG A 24 16.98 22.89 34.92
C ARG A 24 16.92 23.21 33.43
N THR A 25 17.70 24.20 33.02
CA THR A 25 17.72 24.63 31.62
C THR A 25 18.21 23.52 30.69
N LEU A 26 17.46 23.28 29.62
CA LEU A 26 17.83 22.22 28.68
C LEU A 26 18.45 22.85 27.46
N TYR A 27 19.27 22.05 26.76
CA TYR A 27 19.98 22.48 25.56
C TYR A 27 19.88 21.45 24.42
N GLY A 28 20.13 21.91 23.21
CA GLY A 28 20.19 21.03 22.06
C GLY A 28 18.90 20.24 21.91
N ASN A 29 19.03 18.98 21.47
CA ASN A 29 17.88 18.18 21.13
C ASN A 29 17.07 17.83 22.36
N ASP A 30 17.74 17.84 23.50
CA ASP A 30 17.11 17.53 24.77
C ASP A 30 15.99 18.54 25.16
N ARG A 31 16.01 19.70 24.52
CA ARG A 31 14.95 20.69 24.69
C ARG A 31 13.56 20.19 24.33
N PHE A 32 13.48 19.23 23.40
CA PHE A 32 12.21 18.92 22.73
C PHE A 32 11.57 17.59 23.17
N GLU A 33 10.25 17.49 23.07
CA GLU A 33 9.57 16.20 23.20
C GLU A 33 8.33 16.20 22.35
N GLY A 34 7.75 15.01 22.15
CA GLY A 34 6.50 14.90 21.41
C GLY A 34 6.53 13.79 20.36
N TYR A 35 5.42 13.62 19.65
CA TYR A 35 5.33 12.52 18.67
C TYR A 35 6.46 12.52 17.62
N CYS A 36 6.76 13.67 17.04
CA CYS A 36 7.77 13.73 16.01
C CYS A 36 9.17 13.57 16.57
N ILE A 37 9.35 13.88 17.86
CA ILE A 37 10.64 13.67 18.47
C ILE A 37 10.87 12.18 18.70
N ASP A 38 9.83 11.47 19.17
CA ASP A 38 9.90 10.02 19.31
C ASP A 38 10.11 9.39 17.93
N LEU A 39 9.39 9.87 16.92
CA LEU A 39 9.58 9.30 15.56
C LEU A 39 11.03 9.47 15.11
N LEU A 40 11.53 10.70 15.17
CA LEU A 40 12.95 10.97 14.92
C LEU A 40 13.96 10.03 15.67
N LYS A 41 13.78 9.81 16.96
CA LYS A 41 14.66 8.93 17.69
C LYS A 41 14.61 7.55 17.06
N GLU A 42 13.41 7.09 16.72
CA GLU A 42 13.28 5.74 16.14
C GLU A 42 13.94 5.65 14.77
N LEU A 43 13.76 6.70 13.98
CA LEU A 43 14.32 6.74 12.64
C LEU A 43 15.83 6.73 12.69
N ALA A 44 16.38 7.57 13.58
CA ALA A 44 17.81 7.62 13.82
C ALA A 44 18.39 6.28 14.31
N HIS A 45 17.69 5.56 15.17
CA HIS A 45 18.14 4.24 15.62
C HIS A 45 18.20 3.31 14.38
N ILE A 46 17.10 3.21 13.63
CA ILE A 46 17.05 2.29 12.49
C ILE A 46 18.11 2.59 11.44
N LEU A 47 18.26 3.88 11.12
CA LEU A 47 19.11 4.26 10.00
C LEU A 47 20.52 4.59 10.40
N GLY A 48 20.72 4.79 11.68
CA GLY A 48 22.06 4.86 12.24
C GLY A 48 22.70 6.24 12.20
N PHE A 49 21.90 7.30 12.17
CA PHE A 49 22.46 8.64 12.03
C PHE A 49 22.30 9.44 13.32
N SER A 50 23.19 10.41 13.51
CA SER A 50 22.98 11.43 14.51
C SER A 50 22.49 12.70 13.81
N TYR A 51 21.94 13.62 14.58
CA TYR A 51 21.20 14.74 14.02
C TYR A 51 21.13 15.93 14.99
N GLU A 52 20.84 17.10 14.44
CA GLU A 52 20.66 18.30 15.23
C GLU A 52 19.33 18.94 14.86
N ILE A 53 18.44 19.14 15.82
CA ILE A 53 17.12 19.74 15.54
C ILE A 53 17.22 21.28 15.55
N ARG A 54 16.62 21.94 14.57
CA ARG A 54 16.66 23.40 14.49
C ARG A 54 15.27 23.87 14.15
N LEU A 55 14.73 24.79 14.94
CA LEU A 55 13.41 25.32 14.63
C LEU A 55 13.53 26.24 13.44
N VAL A 56 12.62 26.10 12.48
CA VAL A 56 12.59 26.97 11.32
C VAL A 56 12.29 28.41 11.74
N GLU A 57 13.13 29.34 11.28
CA GLU A 57 13.10 30.73 11.76
C GLU A 57 11.73 31.38 11.63
N ASP A 58 11.10 31.22 10.49
CA ASP A 58 9.87 31.96 10.20
C ASP A 58 8.63 31.26 10.74
N GLY A 59 8.81 30.12 11.42
CA GLY A 59 7.71 29.38 12.01
C GLY A 59 6.65 28.85 11.04
N LYS A 60 7.00 28.75 9.76
CA LYS A 60 6.02 28.38 8.73
C LYS A 60 6.26 27.00 8.19
N TYR A 61 5.19 26.38 7.72
CA TYR A 61 5.31 25.07 7.10
C TYR A 61 5.86 25.27 5.69
N GLY A 62 5.13 26.04 4.89
CA GLY A 62 5.65 26.40 3.59
C GLY A 62 4.63 26.57 2.49
N ALA A 63 4.70 27.72 1.83
CA ALA A 63 3.90 27.94 0.63
C ALA A 63 4.66 28.86 -0.30
N GLN A 64 4.20 28.93 -1.53
CA GLN A 64 4.87 29.68 -2.59
C GLN A 64 4.19 31.02 -2.76
N ASP A 65 4.98 32.09 -2.82
CA ASP A 65 4.45 33.41 -3.19
C ASP A 65 4.20 33.52 -4.69
N ASP A 66 3.78 34.70 -5.13
CA ASP A 66 3.36 34.92 -6.51
C ASP A 66 4.52 34.91 -7.48
N LYS A 67 5.72 35.16 -6.96
CA LYS A 67 6.95 35.06 -7.74
C LYS A 67 7.28 33.61 -8.04
N GLY A 68 7.02 32.76 -7.05
CA GLY A 68 7.36 31.35 -7.14
C GLY A 68 8.32 30.96 -6.03
N GLN A 69 8.49 31.82 -5.04
CA GLN A 69 9.43 31.55 -3.97
C GLN A 69 8.75 30.96 -2.74
N TRP A 70 9.39 29.95 -2.16
CA TRP A 70 8.82 29.25 -1.00
C TRP A 70 9.32 29.84 0.32
N ASN A 71 8.62 29.53 1.42
CA ASN A 71 9.08 29.90 2.76
C ASN A 71 8.99 28.68 3.65
N GLY A 72 9.16 28.88 4.96
CA GLY A 72 8.93 27.82 5.95
C GLY A 72 9.86 26.63 5.81
N MET A 73 9.46 25.49 6.37
CA MET A 73 10.30 24.28 6.32
C MET A 73 10.58 23.86 4.87
N VAL A 74 9.61 24.06 3.98
CA VAL A 74 9.82 23.65 2.59
C VAL A 74 11.03 24.38 2.01
N LYS A 75 11.11 25.67 2.30
CA LYS A 75 12.20 26.47 1.77
C LYS A 75 13.56 26.06 2.37
N GLU A 76 13.56 25.63 3.63
CA GLU A 76 14.81 25.23 4.27
C GLU A 76 15.39 24.02 3.49
N LEU A 77 14.50 23.13 3.07
CA LEU A 77 14.90 21.95 2.30
C LEU A 77 15.35 22.36 0.90
N ILE A 78 14.58 23.21 0.25
CA ILE A 78 14.92 23.66 -1.11
C ILE A 78 16.31 24.27 -1.17
N ASP A 79 16.64 25.11 -0.19
CA ASP A 79 17.94 25.77 -0.16
C ASP A 79 19.07 24.90 0.43
N HIS A 80 18.81 23.61 0.62
CA HIS A 80 19.78 22.66 1.20
C HIS A 80 20.26 23.15 2.60
N LYS A 81 19.34 23.71 3.39
CA LYS A 81 19.70 24.23 4.73
C LYS A 81 19.39 23.19 5.77
N ALA A 82 18.55 22.22 5.43
CA ALA A 82 18.26 21.11 6.32
C ALA A 82 18.30 19.84 5.50
N ASP A 83 18.63 18.72 6.15
CA ASP A 83 18.59 17.43 5.47
C ASP A 83 17.22 16.76 5.50
N LEU A 84 16.51 16.96 6.60
CA LEU A 84 15.17 16.41 6.81
C LEU A 84 14.24 17.46 7.40
N ALA A 85 12.96 17.41 7.04
CA ALA A 85 11.92 18.17 7.78
C ALA A 85 11.11 17.10 8.50
N VAL A 86 11.16 17.16 9.83
CA VAL A 86 10.49 16.20 10.68
C VAL A 86 9.46 16.98 11.51
N ALA A 87 8.20 16.84 11.11
CA ALA A 87 7.14 17.71 11.56
C ALA A 87 5.83 17.13 11.06
N PRO A 88 4.69 17.67 11.52
CA PRO A 88 3.46 17.30 10.84
C PRO A 88 3.43 17.99 9.47
N LEU A 89 4.24 17.50 8.53
CA LEU A 89 4.38 18.17 7.23
C LEU A 89 3.52 17.46 6.23
N THR A 90 2.52 18.16 5.73
CA THR A 90 1.55 17.53 4.85
C THR A 90 2.13 17.23 3.45
N ILE A 91 2.04 15.99 3.00
CA ILE A 91 2.46 15.63 1.63
C ILE A 91 1.42 16.14 0.68
N THR A 92 1.81 17.01 -0.24
CA THR A 92 0.86 17.48 -1.25
C THR A 92 1.50 17.42 -2.64
N HIS A 93 0.68 17.28 -3.68
CA HIS A 93 1.23 17.18 -5.03
C HIS A 93 1.93 18.48 -5.43
N VAL A 94 1.46 19.60 -4.89
CA VAL A 94 2.11 20.87 -5.17
C VAL A 94 3.52 20.89 -4.57
N ARG A 95 3.68 20.44 -3.33
CA ARG A 95 5.02 20.44 -2.70
C ARG A 95 5.97 19.40 -3.33
N GLU A 96 5.41 18.32 -3.85
CA GLU A 96 6.21 17.30 -4.56
C GLU A 96 7.02 17.84 -5.75
N LYS A 97 6.60 18.94 -6.31
CA LYS A 97 7.33 19.56 -7.39
C LYS A 97 8.60 20.24 -6.89
N ALA A 98 8.68 20.53 -5.59
CA ALA A 98 9.84 21.23 -5.06
C ALA A 98 10.72 20.43 -4.11
N ILE A 99 10.11 19.50 -3.37
CA ILE A 99 10.86 18.71 -2.42
C ILE A 99 10.39 17.26 -2.56
N ASP A 100 11.04 16.36 -1.86
CA ASP A 100 10.62 14.96 -1.84
C ASP A 100 10.01 14.64 -0.47
N PHE A 101 9.15 13.62 -0.41
CA PHE A 101 8.63 13.14 0.87
C PHE A 101 8.79 11.63 0.96
N SER A 102 9.00 11.15 2.18
CA SER A 102 8.85 9.73 2.52
C SER A 102 7.40 9.32 2.29
N LYS A 103 7.13 8.03 2.34
CA LYS A 103 5.76 7.59 2.56
C LYS A 103 5.20 8.21 3.86
N PRO A 104 3.87 8.27 3.96
CA PRO A 104 3.28 8.90 5.13
C PRO A 104 3.44 8.06 6.39
N PHE A 105 3.61 8.73 7.52
CA PHE A 105 3.62 8.10 8.84
C PHE A 105 2.30 8.34 9.62
N MET A 106 1.48 9.26 9.15
CA MET A 106 0.16 9.48 9.72
C MET A 106 -0.80 10.02 8.66
N THR A 107 -2.06 9.61 8.74
CA THR A 107 -3.13 10.13 7.88
C THR A 107 -3.87 11.29 8.50
N LEU A 108 -4.41 12.15 7.66
CA LEU A 108 -5.24 13.26 8.14
C LEU A 108 -6.02 13.75 6.94
N GLY A 109 -7.03 14.56 7.21
CA GLY A 109 -7.71 15.33 6.20
C GLY A 109 -8.10 16.67 6.75
N VAL A 110 -8.34 17.62 5.85
CA VAL A 110 -8.85 18.91 6.26
C VAL A 110 -10.28 18.75 6.82
N SER A 111 -10.58 19.46 7.90
CA SER A 111 -11.93 19.50 8.40
C SER A 111 -12.14 20.82 9.15
N ILE A 112 -13.17 20.91 9.97
CA ILE A 112 -13.54 22.21 10.56
C ILE A 112 -13.56 22.11 12.05
N LEU A 113 -12.91 23.09 12.67
CA LEU A 113 -12.95 23.25 14.10
C LEU A 113 -13.89 24.44 14.45
N TYR A 114 -14.88 24.20 15.29
CA TYR A 114 -15.85 25.25 15.65
C TYR A 114 -16.37 24.95 17.06
N ARG A 115 -17.08 25.90 17.67
CA ARG A 115 -17.65 25.65 18.97
C ARG A 115 -18.85 24.73 18.81
N LYS A 116 -19.11 23.94 19.84
CA LYS A 116 -20.30 23.11 19.95
C LYS A 116 -21.56 23.96 20.03
N GLY A 117 -22.70 23.39 19.62
CA GLY A 117 -23.99 23.99 19.86
C GLY A 117 -24.49 24.92 18.79
N THR A 118 -23.98 24.78 17.57
CA THR A 118 -24.46 25.61 16.49
C THR A 118 -25.17 24.74 15.47
N PRO A 119 -25.76 25.39 14.45
CA PRO A 119 -26.40 24.69 13.34
C PRO A 119 -25.43 24.23 12.27
N ILE A 120 -24.22 24.78 12.22
CA ILE A 120 -23.29 24.53 11.10
C ILE A 120 -22.87 23.06 11.10
N ASP A 121 -22.92 22.42 9.93
CA ASP A 121 -22.49 21.03 9.85
C ASP A 121 -21.62 20.71 8.64
N SER A 122 -21.28 21.69 7.81
CA SER A 122 -20.45 21.39 6.65
C SER A 122 -19.79 22.65 6.13
N ALA A 123 -18.78 22.47 5.29
CA ALA A 123 -18.12 23.61 4.68
C ALA A 123 -19.10 24.40 3.86
N ASP A 124 -20.05 23.74 3.19
CA ASP A 124 -21.05 24.49 2.43
C ASP A 124 -21.87 25.44 3.31
N ASP A 125 -22.23 25.01 4.51
CA ASP A 125 -22.88 25.95 5.44
C ASP A 125 -22.02 27.18 5.72
N LEU A 126 -20.70 27.02 5.78
CA LEU A 126 -19.86 28.17 6.04
C LEU A 126 -19.83 29.03 4.78
N ALA A 127 -19.75 28.39 3.62
CA ALA A 127 -19.58 29.10 2.36
C ALA A 127 -20.82 29.93 1.96
N LYS A 128 -22.01 29.49 2.37
CA LYS A 128 -23.25 30.21 2.10
C LYS A 128 -23.44 31.53 2.88
N GLN A 129 -22.68 31.71 3.97
CA GLN A 129 -22.98 32.78 4.95
C GLN A 129 -21.74 33.57 5.36
N THR A 130 -21.94 34.86 5.64
CA THR A 130 -20.85 35.81 5.89
C THR A 130 -20.73 36.27 7.35
N LYS A 131 -21.71 35.91 8.17
CA LYS A 131 -21.68 36.28 9.57
C LYS A 131 -20.51 35.59 10.26
N ILE A 132 -20.43 34.27 10.08
CA ILE A 132 -19.37 33.47 10.68
C ILE A 132 -18.09 33.58 9.86
N GLU A 133 -17.03 34.06 10.49
CA GLU A 133 -15.73 34.13 9.83
C GLU A 133 -15.03 32.76 9.83
N TYR A 134 -14.14 32.58 8.86
CA TYR A 134 -13.42 31.32 8.79
C TYR A 134 -12.12 31.51 8.04
N GLY A 135 -11.15 30.63 8.31
CA GLY A 135 -9.90 30.69 7.60
C GLY A 135 -9.04 29.49 7.95
N ALA A 136 -7.73 29.68 7.92
CA ALA A 136 -6.76 28.58 8.01
C ALA A 136 -5.40 29.16 8.37
N VAL A 137 -4.44 28.28 8.67
CA VAL A 137 -3.11 28.74 9.04
C VAL A 137 -2.47 29.33 7.79
N LYS A 138 -1.93 30.53 7.89
CA LYS A 138 -1.25 31.17 6.74
C LYS A 138 0.01 30.38 6.32
N ASP A 139 0.11 30.15 5.01
CA ASP A 139 1.28 29.52 4.36
C ASP A 139 1.46 28.06 4.77
N GLY A 140 0.33 27.42 5.04
CA GLY A 140 0.31 25.97 5.20
C GLY A 140 -0.45 25.31 4.07
N ALA A 141 -0.57 23.99 4.20
CA ALA A 141 -1.16 23.23 3.13
C ALA A 141 -2.65 23.49 3.06
N THR A 142 -3.29 23.76 4.19
CA THR A 142 -4.72 23.98 4.13
C THR A 142 -5.01 25.26 3.36
N MET A 143 -4.32 26.34 3.69
CA MET A 143 -4.47 27.56 2.92
C MET A 143 -4.29 27.26 1.43
N THR A 144 -3.20 26.58 1.11
CA THR A 144 -2.88 26.33 -0.27
C THR A 144 -4.00 25.53 -0.94
N PHE A 145 -4.58 24.61 -0.18
CA PHE A 145 -5.66 23.79 -0.75
C PHE A 145 -6.78 24.70 -1.23
N PHE A 146 -7.12 25.69 -0.40
CA PHE A 146 -8.23 26.56 -0.77
C PHE A 146 -7.81 27.48 -1.91
N LYS A 147 -6.61 28.03 -1.81
CA LYS A 147 -6.12 28.99 -2.79
C LYS A 147 -6.04 28.37 -4.17
N LYS A 148 -5.69 27.08 -4.23
CA LYS A 148 -5.53 26.36 -5.51
C LYS A 148 -6.78 25.65 -6.00
N SER A 149 -7.84 25.57 -5.18
CA SER A 149 -9.00 24.74 -5.54
C SER A 149 -9.74 25.27 -6.75
N LYS A 150 -10.22 24.35 -7.59
CA LYS A 150 -10.99 24.69 -8.80
C LYS A 150 -12.46 24.40 -8.55
N ILE A 151 -12.79 24.00 -7.32
CA ILE A 151 -14.14 23.62 -6.94
C ILE A 151 -14.88 24.89 -6.50
N SER A 152 -16.09 25.09 -6.99
CA SER A 152 -16.76 26.36 -6.85
C SER A 152 -16.90 26.77 -5.38
N THR A 153 -17.35 25.85 -4.54
CA THR A 153 -17.53 26.16 -3.12
C THR A 153 -16.24 26.59 -2.41
N PHE A 154 -15.13 25.92 -2.74
CA PHE A 154 -13.85 26.23 -2.10
C PHE A 154 -13.25 27.52 -2.64
N GLU A 155 -13.52 27.82 -3.91
CA GLU A 155 -13.10 29.11 -4.48
C GLU A 155 -13.81 30.23 -3.74
N LYS A 156 -15.10 29.99 -3.46
CA LYS A 156 -15.93 30.96 -2.77
C LYS A 156 -15.31 31.18 -1.40
N MET A 157 -15.00 30.08 -0.71
CA MET A 157 -14.41 30.15 0.62
C MET A 157 -13.04 30.82 0.59
N TRP A 158 -12.25 30.51 -0.43
CA TRP A 158 -10.96 31.16 -0.60
C TRP A 158 -11.14 32.67 -0.77
N ALA A 159 -12.10 33.05 -1.61
CA ALA A 159 -12.34 34.46 -1.86
C ALA A 159 -12.70 35.19 -0.55
N PHE A 160 -13.46 34.51 0.32
CA PHE A 160 -13.78 35.04 1.65
C PHE A 160 -12.55 35.17 2.57
N MET A 161 -11.83 34.06 2.80
CA MET A 161 -10.64 34.08 3.68
C MET A 161 -9.65 35.12 3.23
N SER A 162 -9.38 35.07 1.94
CA SER A 162 -8.43 35.94 1.30
C SER A 162 -8.76 37.40 1.62
N SER A 163 -10.05 37.69 1.85
CA SER A 163 -10.54 39.06 2.04
C SER A 163 -10.33 39.57 3.45
N LYS A 164 -10.84 38.81 4.41
CA LYS A 164 -10.74 39.11 5.83
C LYS A 164 -9.29 39.31 6.28
N PRO A 165 -8.98 40.50 6.80
CA PRO A 165 -7.60 40.90 7.08
C PRO A 165 -6.84 39.92 8.00
N SER A 166 -7.56 39.32 8.95
CA SER A 166 -6.94 38.46 9.95
C SER A 166 -7.50 37.04 10.00
N ALA A 167 -8.25 36.63 8.97
CA ALA A 167 -8.78 35.26 8.91
C ALA A 167 -7.68 34.22 8.63
N LEU A 168 -6.56 34.66 8.08
CA LEU A 168 -5.45 33.71 7.86
C LEU A 168 -4.48 33.83 9.04
N VAL A 169 -4.59 32.86 9.93
CA VAL A 169 -3.97 32.91 11.24
C VAL A 169 -2.50 32.51 11.17
N LYS A 170 -1.69 32.99 12.11
CA LYS A 170 -0.25 32.75 12.08
C LYS A 170 0.14 31.28 12.30
N ASN A 171 -0.56 30.60 13.19
CA ASN A 171 -0.29 29.23 13.54
C ASN A 171 -1.57 28.62 14.13
N ASN A 172 -1.55 27.34 14.45
CA ASN A 172 -2.72 26.72 15.07
C ASN A 172 -3.13 27.39 16.39
N GLU A 173 -2.16 27.64 17.27
CA GLU A 173 -2.51 28.17 18.57
C GLU A 173 -3.34 29.44 18.41
N GLU A 174 -2.95 30.32 17.48
CA GLU A 174 -3.75 31.52 17.21
C GLU A 174 -5.14 31.24 16.62
N GLY A 175 -5.24 30.25 15.74
CA GLY A 175 -6.53 29.93 15.16
C GLY A 175 -7.42 29.33 16.22
N ILE A 176 -6.82 28.53 17.09
CA ILE A 176 -7.57 27.92 18.18
C ILE A 176 -8.16 29.02 19.05
N GLN A 177 -7.35 29.99 19.42
CA GLN A 177 -7.83 31.12 20.26
C GLN A 177 -8.90 31.96 19.58
N ARG A 178 -8.77 32.14 18.28
CA ARG A 178 -9.74 32.94 17.56
C ARG A 178 -11.06 32.19 17.48
N THR A 179 -11.01 30.86 17.40
CA THR A 179 -12.22 30.06 17.43
C THR A 179 -12.87 30.17 18.81
N LEU A 180 -12.04 30.32 19.83
CA LEU A 180 -12.55 30.43 21.21
C LEU A 180 -13.19 31.79 21.50
N THR A 181 -12.62 32.86 20.94
CA THR A 181 -13.00 34.22 21.31
C THR A 181 -13.78 35.04 20.27
N ALA A 182 -13.88 34.55 19.03
CA ALA A 182 -14.68 35.25 18.05
C ALA A 182 -15.66 34.28 17.43
N ASP A 183 -16.51 34.77 16.54
CA ASP A 183 -17.41 33.90 15.79
C ASP A 183 -16.64 33.41 14.54
N TYR A 184 -15.81 32.39 14.73
CA TYR A 184 -14.81 32.00 13.70
C TYR A 184 -14.69 30.48 13.68
N ALA A 185 -14.62 29.89 12.48
CA ALA A 185 -14.36 28.45 12.35
C ALA A 185 -13.01 28.28 11.68
N LEU A 186 -12.22 27.32 12.16
CA LEU A 186 -10.87 27.12 11.62
C LEU A 186 -10.80 25.90 10.73
N LEU A 187 -10.35 26.08 9.50
CA LEU A 187 -10.07 24.93 8.63
C LEU A 187 -8.75 24.32 9.08
N MET A 188 -8.82 23.10 9.59
CA MET A 188 -7.72 22.54 10.36
C MET A 188 -7.60 21.04 10.04
N GLU A 189 -6.40 20.50 10.19
CA GLU A 189 -6.18 19.11 9.86
C GLU A 189 -6.72 18.25 10.98
N SER A 190 -7.34 17.15 10.59
CA SER A 190 -8.17 16.33 11.48
C SER A 190 -7.50 15.79 12.73
N THR A 191 -6.24 15.39 12.64
CA THR A 191 -5.59 14.82 13.82
C THR A 191 -5.32 15.90 14.88
N THR A 192 -5.16 17.13 14.42
CA THR A 192 -5.02 18.23 15.36
C THR A 192 -6.38 18.51 16.00
N ILE A 193 -7.43 18.54 15.19
CA ILE A 193 -8.77 18.71 15.77
C ILE A 193 -9.05 17.62 16.83
N GLU A 194 -8.74 16.38 16.49
CA GLU A 194 -8.83 15.27 17.43
C GLU A 194 -8.15 15.63 18.74
N TYR A 195 -6.91 16.08 18.69
CA TYR A 195 -6.16 16.45 19.88
C TYR A 195 -6.87 17.52 20.73
N ILE A 196 -7.28 18.59 20.05
CA ILE A 196 -7.86 19.78 20.67
C ILE A 196 -9.23 19.54 21.28
N THR A 197 -10.07 18.82 20.55
CA THR A 197 -11.45 18.64 20.94
C THR A 197 -11.58 17.71 22.15
N GLN A 198 -10.51 17.02 22.48
CA GLN A 198 -10.47 16.17 23.65
C GLN A 198 -9.92 16.93 24.88
N ARG A 199 -9.21 18.04 24.63
CA ARG A 199 -8.67 18.89 25.70
C ARG A 199 -9.65 20.04 25.98
N ASN A 200 -10.44 20.37 24.97
CA ASN A 200 -11.36 21.49 25.04
C ASN A 200 -12.77 21.08 24.69
N CYS A 201 -13.60 20.87 25.71
CA CYS A 201 -14.90 20.27 25.50
C CYS A 201 -15.95 21.22 24.91
N ASN A 202 -15.59 22.48 24.70
CA ASN A 202 -16.50 23.42 24.06
C ASN A 202 -16.28 23.61 22.57
N LEU A 203 -15.31 22.87 22.04
CA LEU A 203 -15.02 22.84 20.61
C LEU A 203 -15.31 21.45 20.06
N THR A 204 -15.59 21.41 18.78
CA THR A 204 -15.91 20.14 18.13
C THR A 204 -15.52 20.21 16.69
N GLN A 205 -15.45 19.03 16.06
CA GLN A 205 -15.22 18.97 14.63
C GLN A 205 -16.53 19.12 13.89
N ILE A 206 -16.53 19.92 12.84
CA ILE A 206 -17.75 20.10 12.06
C ILE A 206 -17.61 19.35 10.73
N GLY A 207 -18.50 18.38 10.53
CA GLY A 207 -18.50 17.55 9.35
C GLY A 207 -17.37 16.54 9.41
N GLY A 208 -17.12 15.89 8.29
CA GLY A 208 -16.04 14.91 8.20
C GLY A 208 -14.81 15.49 7.53
N LEU A 209 -14.07 14.64 6.82
CA LEU A 209 -12.86 15.09 6.15
C LEU A 209 -13.21 15.68 4.80
N ILE A 210 -12.64 16.83 4.45
CA ILE A 210 -12.81 17.39 3.08
C ILE A 210 -11.90 16.70 2.03
N ASP A 211 -10.71 16.31 2.45
CA ASP A 211 -9.82 15.54 1.60
C ASP A 211 -9.10 14.48 2.43
N SER A 212 -8.12 13.82 1.84
CA SER A 212 -7.43 12.75 2.56
C SER A 212 -5.98 12.76 2.07
N LYS A 213 -5.08 12.80 3.05
CA LYS A 213 -3.66 13.04 2.81
C LYS A 213 -2.88 12.42 3.97
N GLY A 214 -1.57 12.60 3.92
CA GLY A 214 -0.70 12.16 5.00
C GLY A 214 0.36 13.16 5.37
N TYR A 215 0.97 12.95 6.54
CA TYR A 215 2.23 13.59 6.89
C TYR A 215 3.38 12.67 6.46
N GLY A 216 4.44 13.28 5.94
CA GLY A 216 5.65 12.55 5.56
C GLY A 216 6.85 13.37 5.97
N ILE A 217 8.00 12.73 6.03
CA ILE A 217 9.24 13.43 6.32
C ILE A 217 9.67 14.08 5.00
N GLY A 218 10.00 15.37 5.00
CA GLY A 218 10.49 16.02 3.80
C GLY A 218 12.02 15.94 3.68
N THR A 219 12.51 15.85 2.45
CA THR A 219 13.95 15.94 2.19
C THR A 219 14.12 16.85 0.99
N PRO A 220 15.33 17.36 0.78
CA PRO A 220 15.55 18.06 -0.50
C PRO A 220 15.33 17.09 -1.65
N MET A 221 14.91 17.62 -2.78
CA MET A 221 14.66 16.77 -3.95
C MET A 221 15.90 15.93 -4.33
N GLY A 222 15.71 14.65 -4.60
CA GLY A 222 16.83 13.81 -5.01
C GLY A 222 17.62 13.21 -3.86
N SER A 223 17.31 13.59 -2.62
CA SER A 223 18.06 13.03 -1.50
C SER A 223 17.91 11.50 -1.40
N PRO A 224 19.02 10.81 -1.17
CA PRO A 224 19.02 9.37 -0.92
C PRO A 224 18.33 9.00 0.38
N TYR A 225 18.21 9.94 1.34
CA TYR A 225 17.53 9.63 2.62
C TYR A 225 16.06 9.41 2.42
N ARG A 226 15.51 9.91 1.32
CA ARG A 226 14.08 9.82 1.19
C ARG A 226 13.60 8.38 1.23
N ASP A 227 14.20 7.51 0.43
CA ASP A 227 13.78 6.12 0.40
C ASP A 227 14.17 5.37 1.69
N LYS A 228 15.30 5.74 2.28
CA LYS A 228 15.76 5.11 3.51
C LYS A 228 14.77 5.36 4.62
N ILE A 229 14.31 6.61 4.71
CA ILE A 229 13.26 7.00 5.69
C ILE A 229 11.95 6.26 5.40
N THR A 230 11.59 6.10 4.13
CA THR A 230 10.40 5.30 3.84
C THR A 230 10.53 3.86 4.35
N ILE A 231 11.70 3.28 4.13
CA ILE A 231 11.94 1.87 4.54
C ILE A 231 11.87 1.76 6.08
N ALA A 232 12.42 2.73 6.74
CA ALA A 232 12.38 2.76 8.20
C ALA A 232 10.94 2.96 8.74
N ILE A 233 10.14 3.82 8.12
CA ILE A 233 8.71 3.97 8.45
C ILE A 233 7.94 2.66 8.23
N LEU A 234 8.21 1.99 7.11
CA LEU A 234 7.60 0.69 6.88
C LEU A 234 8.00 -0.28 7.99
N GLN A 235 9.25 -0.25 8.42
CA GLN A 235 9.66 -1.14 9.52
C GLN A 235 8.87 -0.81 10.81
N LEU A 236 8.77 0.46 11.15
CA LEU A 236 8.00 0.87 12.35
C LEU A 236 6.51 0.47 12.24
N GLN A 237 5.93 0.63 11.07
CA GLN A 237 4.58 0.12 10.82
C GLN A 237 4.46 -1.41 10.98
N GLU A 238 5.47 -2.17 10.55
CA GLU A 238 5.42 -3.63 10.72
C GLU A 238 5.47 -3.97 12.22
N GLU A 239 6.27 -3.21 12.96
CA GLU A 239 6.44 -3.42 14.38
C GLU A 239 5.24 -2.78 15.12
N ASP A 240 4.29 -2.27 14.35
CA ASP A 240 3.13 -1.53 14.84
C ASP A 240 3.52 -0.46 15.88
N LYS A 241 4.68 0.15 15.75
CA LYS A 241 5.12 1.20 16.68
C LYS A 241 4.52 2.60 16.49
N LEU A 242 4.01 2.94 15.32
CA LEU A 242 3.51 4.29 15.14
C LEU A 242 2.11 4.44 15.71
N HIS A 243 1.29 3.39 15.65
CA HIS A 243 -0.07 3.50 16.17
C HIS A 243 -0.02 3.64 17.69
N ILE A 244 1.04 3.09 18.27
CA ILE A 244 1.29 3.17 19.70
C ILE A 244 1.84 4.53 20.13
N MET A 245 2.78 5.02 19.35
CA MET A 245 3.33 6.36 19.52
C MET A 245 2.20 7.36 19.44
N LYS A 246 1.28 7.14 18.51
CA LYS A 246 0.14 8.02 18.42
C LYS A 246 -0.71 7.97 19.69
N GLU A 247 -0.98 6.77 20.20
CA GLU A 247 -1.87 6.63 21.37
C GLU A 247 -1.17 7.31 22.58
N LYS A 248 0.15 7.17 22.65
CA LYS A 248 0.95 7.79 23.69
C LYS A 248 0.80 9.30 23.73
N TRP A 249 0.84 9.96 22.58
CA TRP A 249 0.74 11.41 22.55
C TRP A 249 -0.69 11.99 22.44
N TRP A 250 -1.68 11.19 22.02
CA TRP A 250 -3.08 11.69 21.94
C TRP A 250 -3.99 11.27 23.13
N ARG A 251 -3.53 10.30 23.91
CA ARG A 251 -4.29 9.81 25.05
C ARG A 251 -4.57 10.95 26.01
N GLY A 252 -5.68 10.84 26.74
CA GLY A 252 -6.05 11.84 27.73
C GLY A 252 -7.50 11.66 28.11
N SER A 253 -7.99 12.44 29.07
CA SER A 253 -9.39 12.35 29.48
C SER A 253 -10.28 13.09 28.49
N GLY A 254 -11.29 12.41 27.97
CA GLY A 254 -12.20 13.01 27.02
C GLY A 254 -13.21 13.96 27.66
N CYS A 255 -14.30 14.19 26.95
CA CYS A 255 -15.36 15.06 27.41
C CYS A 255 -16.58 14.21 27.77
N PRO A 256 -17.52 14.77 28.53
CA PRO A 256 -18.78 14.09 28.82
C PRO A 256 -19.69 13.99 27.60
N ARG B 4 -32.10 -12.91 0.36
CA ARG B 4 -31.15 -11.95 -0.20
C ARG B 4 -30.31 -11.30 0.91
N SER B 5 -30.35 -11.90 2.09
CA SER B 5 -29.56 -11.43 3.22
C SER B 5 -28.33 -12.32 3.36
N LEU B 6 -27.26 -11.76 3.91
CA LEU B 6 -26.01 -12.48 4.10
C LEU B 6 -25.90 -13.08 5.49
N ILE B 7 -25.48 -14.34 5.57
CA ILE B 7 -25.19 -14.95 6.86
C ILE B 7 -23.77 -14.60 7.28
N VAL B 8 -23.65 -13.95 8.44
CA VAL B 8 -22.36 -13.56 8.99
C VAL B 8 -21.97 -14.43 10.17
N THR B 9 -20.87 -15.15 10.03
CA THR B 9 -20.38 -16.01 11.10
C THR B 9 -19.39 -15.20 11.93
N THR B 10 -19.42 -15.41 13.24
CA THR B 10 -18.50 -14.73 14.15
C THR B 10 -18.36 -15.53 15.47
N LEU B 11 -17.70 -14.92 16.44
CA LEU B 11 -17.64 -15.46 17.80
C LEU B 11 -17.45 -14.35 18.78
N LEU B 12 -17.69 -14.67 20.06
CA LEU B 12 -17.59 -13.70 21.12
C LEU B 12 -16.14 -13.40 21.47
N GLU B 13 -15.78 -12.13 21.44
CA GLU B 13 -14.42 -11.74 21.75
C GLU B 13 -14.33 -10.25 21.98
N GLU B 14 -13.99 -9.85 23.20
CA GLU B 14 -13.90 -8.43 23.58
C GLU B 14 -12.59 -7.83 23.05
N PRO B 15 -12.62 -6.57 22.61
CA PRO B 15 -13.82 -5.74 22.45
C PRO B 15 -14.45 -5.84 21.04
N PHE B 16 -14.28 -6.97 20.35
CA PHE B 16 -14.69 -7.03 18.93
C PHE B 16 -16.15 -7.40 18.79
N VAL B 17 -16.54 -8.51 19.41
CA VAL B 17 -17.93 -8.96 19.44
C VAL B 17 -18.35 -9.26 20.88
N MET B 18 -19.40 -8.60 21.35
CA MET B 18 -19.91 -8.78 22.71
C MET B 18 -21.44 -8.78 22.79
N PHE B 19 -21.96 -9.52 23.77
CA PHE B 19 -23.37 -9.38 24.10
C PHE B 19 -23.52 -8.03 24.77
N ARG B 20 -24.33 -7.16 24.18
CA ARG B 20 -24.58 -5.82 24.76
C ARG B 20 -25.39 -5.91 26.07
N LYS B 21 -25.20 -4.92 26.96
CA LYS B 21 -25.92 -4.85 28.25
C LYS B 21 -27.31 -4.25 28.12
N SER B 22 -28.35 -5.00 28.47
CA SER B 22 -29.64 -4.35 28.61
C SER B 22 -30.54 -5.10 29.58
N ASP B 23 -31.65 -4.46 29.94
CA ASP B 23 -32.65 -5.08 30.79
C ASP B 23 -33.58 -5.94 29.95
N ARG B 24 -34.28 -5.30 29.01
CA ARG B 24 -35.22 -6.01 28.16
C ARG B 24 -34.47 -6.90 27.20
N THR B 25 -34.68 -8.21 27.35
CA THR B 25 -33.98 -9.21 26.54
C THR B 25 -33.89 -8.83 25.09
N LEU B 26 -32.72 -9.02 24.49
CA LEU B 26 -32.51 -8.68 23.10
C LEU B 26 -32.49 -9.94 22.22
N TYR B 27 -32.85 -9.76 20.95
CA TYR B 27 -32.89 -10.86 19.99
C TYR B 27 -32.03 -10.56 18.76
N GLY B 28 -31.66 -11.62 18.02
CA GLY B 28 -30.98 -11.48 16.74
C GLY B 28 -29.75 -10.59 16.80
N ASN B 29 -29.54 -9.81 15.74
CA ASN B 29 -28.41 -8.87 15.66
C ASN B 29 -28.35 -7.89 16.81
N ASP B 30 -29.52 -7.60 17.39
CA ASP B 30 -29.59 -6.62 18.44
C ASP B 30 -28.82 -7.11 19.67
N ARG B 31 -28.53 -8.41 19.71
CA ARG B 31 -27.82 -9.01 20.84
C ARG B 31 -26.36 -8.51 20.99
N PHE B 32 -25.84 -7.88 19.94
CA PHE B 32 -24.40 -7.62 19.87
C PHE B 32 -23.97 -6.16 19.76
N GLU B 33 -22.87 -5.84 20.43
CA GLU B 33 -22.08 -4.65 20.15
C GLU B 33 -20.59 -5.01 20.03
N GLY B 34 -19.76 -4.04 19.68
CA GLY B 34 -18.32 -4.26 19.60
C GLY B 34 -17.72 -3.67 18.33
N TYR B 35 -16.40 -3.73 18.21
CA TYR B 35 -15.72 -3.12 17.07
C TYR B 35 -16.19 -3.70 15.74
N CYS B 36 -16.32 -5.01 15.67
CA CYS B 36 -16.68 -5.69 14.45
C CYS B 36 -18.15 -5.46 14.13
N ILE B 37 -18.95 -5.31 15.18
CA ILE B 37 -20.36 -5.04 14.98
C ILE B 37 -20.48 -3.69 14.31
N ASP B 38 -19.75 -2.70 14.82
CA ASP B 38 -19.77 -1.38 14.21
C ASP B 38 -19.23 -1.48 12.79
N LEU B 39 -18.10 -2.15 12.63
CA LEU B 39 -17.49 -2.30 11.32
C LEU B 39 -18.53 -2.84 10.35
N LEU B 40 -19.16 -3.94 10.75
CA LEU B 40 -20.17 -4.59 9.91
C LEU B 40 -21.33 -3.67 9.51
N LYS B 41 -21.72 -2.77 10.42
CA LYS B 41 -22.74 -1.78 10.11
C LYS B 41 -22.23 -0.82 9.05
N GLU B 42 -20.97 -0.45 9.14
CA GLU B 42 -20.45 0.53 8.21
C GLU B 42 -20.34 -0.08 6.82
N LEU B 43 -20.10 -1.40 6.76
CA LEU B 43 -19.96 -2.10 5.49
C LEU B 43 -21.31 -2.25 4.79
N ALA B 44 -22.33 -2.63 5.54
CA ALA B 44 -23.68 -2.75 5.00
C ALA B 44 -24.22 -1.41 4.46
N HIS B 45 -23.90 -0.31 5.15
CA HIS B 45 -24.26 1.04 4.70
C HIS B 45 -23.65 1.32 3.33
N ILE B 46 -22.35 1.05 3.20
CA ILE B 46 -21.60 1.35 1.96
C ILE B 46 -22.03 0.48 0.79
N LEU B 47 -22.22 -0.81 1.06
CA LEU B 47 -22.48 -1.78 0.01
C LEU B 47 -23.96 -2.18 -0.02
N GLY B 48 -24.74 -1.65 0.93
CA GLY B 48 -26.16 -1.93 0.97
C GLY B 48 -26.49 -3.41 0.88
N PHE B 49 -26.36 -4.11 2.01
CA PHE B 49 -26.88 -5.46 2.12
C PHE B 49 -27.52 -5.72 3.50
N SER B 50 -28.36 -6.73 3.57
CA SER B 50 -28.96 -7.14 4.82
C SER B 50 -28.22 -8.37 5.33
N TYR B 51 -28.20 -8.55 6.64
CA TYR B 51 -27.45 -9.65 7.23
C TYR B 51 -28.03 -10.08 8.57
N GLU B 52 -27.65 -11.27 8.99
CA GLU B 52 -27.91 -11.71 10.34
C GLU B 52 -26.67 -12.38 10.94
N ILE B 53 -26.32 -12.01 12.17
CA ILE B 53 -25.13 -12.57 12.82
C ILE B 53 -25.43 -13.96 13.39
N ARG B 54 -24.50 -14.89 13.20
CA ARG B 54 -24.64 -16.22 13.77
C ARG B 54 -23.34 -16.66 14.48
N LEU B 55 -23.42 -16.91 15.79
CA LEU B 55 -22.21 -17.30 16.49
C LEU B 55 -21.79 -18.69 16.03
N VAL B 56 -20.50 -18.89 15.81
CA VAL B 56 -19.98 -20.17 15.33
C VAL B 56 -20.04 -21.26 16.42
N GLU B 57 -20.56 -22.43 16.04
CA GLU B 57 -20.96 -23.44 17.02
C GLU B 57 -19.82 -23.97 17.89
N ASP B 58 -18.68 -24.28 17.27
CA ASP B 58 -17.57 -24.85 18.00
C ASP B 58 -16.74 -23.78 18.73
N GLY B 59 -17.12 -22.50 18.58
CA GLY B 59 -16.42 -21.43 19.27
C GLY B 59 -14.99 -21.14 18.79
N LYS B 60 -14.63 -21.69 17.63
CA LYS B 60 -13.26 -21.63 17.17
C LYS B 60 -13.01 -20.71 15.96
N TYR B 61 -11.77 -20.28 15.82
CA TYR B 61 -11.38 -19.50 14.65
C TYR B 61 -11.22 -20.38 13.42
N GLY B 62 -10.30 -21.34 13.49
CA GLY B 62 -10.18 -22.32 12.43
C GLY B 62 -8.78 -22.86 12.27
N ALA B 63 -8.67 -24.17 12.29
CA ALA B 63 -7.40 -24.81 11.96
C ALA B 63 -7.67 -26.18 11.32
N GLN B 64 -6.67 -26.72 10.65
CA GLN B 64 -6.80 -28.02 9.97
C GLN B 64 -6.34 -29.17 10.84
N ASP B 65 -7.05 -30.31 10.75
CA ASP B 65 -6.59 -31.50 11.45
C ASP B 65 -5.62 -32.29 10.57
N ASP B 66 -5.17 -33.42 11.10
CA ASP B 66 -4.24 -34.29 10.39
C ASP B 66 -4.86 -34.71 9.06
N LYS B 67 -6.16 -34.93 9.07
CA LYS B 67 -6.88 -35.39 7.90
C LYS B 67 -6.97 -34.29 6.86
N GLY B 68 -7.00 -33.04 7.32
CA GLY B 68 -7.06 -31.90 6.42
C GLY B 68 -8.36 -31.13 6.52
N GLN B 69 -9.26 -31.56 7.42
CA GLN B 69 -10.53 -30.86 7.58
C GLN B 69 -10.32 -29.63 8.46
N TRP B 70 -11.05 -28.56 8.15
CA TRP B 70 -10.99 -27.32 8.94
C TRP B 70 -12.11 -27.34 9.93
N ASN B 71 -12.02 -26.48 10.94
CA ASN B 71 -13.13 -26.26 11.87
C ASN B 71 -13.31 -24.77 12.05
N GLY B 72 -14.14 -24.37 13.01
CA GLY B 72 -14.29 -22.96 13.34
C GLY B 72 -14.91 -22.15 12.23
N MET B 73 -14.85 -20.82 12.33
CA MET B 73 -15.36 -19.94 11.28
C MET B 73 -14.82 -20.29 9.89
N VAL B 74 -13.56 -20.68 9.80
CA VAL B 74 -13.01 -20.96 8.49
C VAL B 74 -13.87 -22.04 7.83
N LYS B 75 -14.23 -23.07 8.60
CA LYS B 75 -15.02 -24.18 8.07
C LYS B 75 -16.41 -23.74 7.62
N GLU B 76 -16.99 -22.78 8.32
CA GLU B 76 -18.32 -22.27 7.95
C GLU B 76 -18.27 -21.68 6.54
N LEU B 77 -17.22 -20.94 6.24
CA LEU B 77 -17.06 -20.33 4.92
C LEU B 77 -16.80 -21.40 3.86
N ILE B 78 -15.93 -22.36 4.17
CA ILE B 78 -15.59 -23.42 3.25
C ILE B 78 -16.86 -24.14 2.84
N ASP B 79 -17.66 -24.49 3.83
CA ASP B 79 -18.91 -25.22 3.60
C ASP B 79 -20.06 -24.35 3.08
N HIS B 80 -19.79 -23.10 2.73
CA HIS B 80 -20.83 -22.15 2.30
C HIS B 80 -21.98 -22.12 3.34
N LYS B 81 -21.66 -22.29 4.62
CA LYS B 81 -22.67 -22.11 5.67
C LYS B 81 -22.67 -20.66 6.13
N ALA B 82 -21.76 -19.84 5.59
CA ALA B 82 -21.78 -18.41 5.86
C ALA B 82 -21.24 -17.63 4.67
N ASP B 83 -21.68 -16.38 4.55
CA ASP B 83 -21.30 -15.52 3.45
C ASP B 83 -20.08 -14.69 3.79
N LEU B 84 -20.03 -14.25 5.04
CA LEU B 84 -18.93 -13.42 5.55
C LEU B 84 -18.52 -13.92 6.92
N ALA B 85 -17.23 -13.82 7.21
CA ALA B 85 -16.77 -13.99 8.58
C ALA B 85 -16.25 -12.63 9.05
N VAL B 86 -16.97 -12.04 10.00
CA VAL B 86 -16.65 -10.70 10.48
C VAL B 86 -16.27 -10.85 11.94
N ALA B 87 -14.98 -10.73 12.23
CA ALA B 87 -14.42 -11.08 13.53
C ALA B 87 -12.96 -10.64 13.46
N PRO B 88 -12.20 -10.83 14.55
CA PRO B 88 -10.76 -10.61 14.44
C PRO B 88 -10.13 -11.85 13.81
N LEU B 89 -10.40 -12.03 12.51
CA LEU B 89 -9.96 -13.19 11.78
C LEU B 89 -8.63 -12.87 11.13
N THR B 90 -7.60 -13.59 11.55
CA THR B 90 -6.23 -13.33 11.11
C THR B 90 -6.04 -13.83 9.68
N ILE B 91 -5.56 -12.96 8.80
CA ILE B 91 -5.17 -13.32 7.44
C ILE B 91 -3.86 -14.09 7.52
N THR B 92 -3.89 -15.33 7.05
CA THR B 92 -2.67 -16.12 6.99
C THR B 92 -2.57 -16.81 5.63
N HIS B 93 -1.35 -17.09 5.22
CA HIS B 93 -1.12 -17.69 3.91
C HIS B 93 -1.73 -19.09 3.86
N VAL B 94 -1.78 -19.76 4.99
CA VAL B 94 -2.39 -21.09 5.05
C VAL B 94 -3.89 -20.99 4.77
N ARG B 95 -4.54 -20.03 5.42
CA ARG B 95 -5.99 -19.91 5.30
C ARG B 95 -6.36 -19.45 3.89
N GLU B 96 -5.48 -18.68 3.28
CA GLU B 96 -5.75 -18.18 1.93
C GLU B 96 -5.90 -19.30 0.93
N LYS B 97 -5.35 -20.47 1.23
CA LYS B 97 -5.57 -21.61 0.35
C LYS B 97 -7.00 -22.11 0.45
N ALA B 98 -7.70 -21.80 1.52
CA ALA B 98 -9.04 -22.38 1.71
C ALA B 98 -10.20 -21.36 1.55
N ILE B 99 -9.95 -20.10 1.88
CA ILE B 99 -10.95 -19.03 1.84
C ILE B 99 -10.31 -17.74 1.30
N ASP B 100 -11.12 -16.70 1.12
CA ASP B 100 -10.60 -15.40 0.67
C ASP B 100 -10.69 -14.38 1.79
N PHE B 101 -9.81 -13.40 1.78
CA PHE B 101 -9.89 -12.31 2.72
C PHE B 101 -9.94 -11.00 1.98
N SER B 102 -10.65 -10.03 2.57
CA SER B 102 -10.46 -8.64 2.20
C SER B 102 -9.07 -8.13 2.60
N LYS B 103 -8.73 -6.95 2.13
CA LYS B 103 -7.59 -6.26 2.62
C LYS B 103 -7.77 -6.13 4.14
N PRO B 104 -6.65 -6.01 4.86
CA PRO B 104 -6.79 -5.96 6.30
C PRO B 104 -7.43 -4.68 6.81
N PHE B 105 -8.20 -4.80 7.87
CA PHE B 105 -8.79 -3.61 8.51
C PHE B 105 -8.07 -3.22 9.83
N MET B 106 -7.15 -4.06 10.28
CA MET B 106 -6.42 -3.80 11.51
C MET B 106 -5.13 -4.64 11.45
N THR B 107 -4.04 -4.05 11.91
CA THR B 107 -2.74 -4.71 12.07
C THR B 107 -2.56 -5.35 13.43
N LEU B 108 -1.87 -6.49 13.47
CA LEU B 108 -1.47 -7.09 14.73
C LEU B 108 -0.29 -8.00 14.51
N GLY B 109 0.33 -8.41 15.61
CA GLY B 109 1.36 -9.43 15.57
C GLY B 109 1.25 -10.30 16.81
N VAL B 110 1.72 -11.54 16.73
CA VAL B 110 1.87 -12.39 17.91
C VAL B 110 2.84 -11.79 18.93
N SER B 111 2.51 -11.90 20.20
CA SER B 111 3.35 -11.37 21.24
C SER B 111 2.99 -12.15 22.51
N ILE B 112 3.46 -11.71 23.69
CA ILE B 112 3.32 -12.51 24.91
C ILE B 112 2.58 -11.71 25.96
N LEU B 113 1.60 -12.34 26.59
CA LEU B 113 0.89 -11.75 27.71
C LEU B 113 1.34 -12.48 28.97
N TYR B 114 1.83 -11.72 29.93
CA TYR B 114 2.40 -12.28 31.18
C TYR B 114 2.27 -11.23 32.27
N ARG B 115 2.49 -11.65 33.53
CA ARG B 115 2.35 -10.73 34.65
C ARG B 115 3.57 -9.80 34.68
N LYS B 116 3.36 -8.59 35.17
CA LYS B 116 4.44 -7.61 35.36
C LYS B 116 5.49 -8.06 36.38
N GLY B 117 6.64 -7.40 36.35
CA GLY B 117 7.62 -7.52 37.42
C GLY B 117 8.38 -8.83 37.46
N THR B 118 8.50 -9.50 36.33
CA THR B 118 9.35 -10.68 36.26
C THR B 118 10.54 -10.33 35.39
N PRO B 119 11.47 -11.27 35.22
CA PRO B 119 12.64 -11.02 34.37
C PRO B 119 12.50 -11.55 32.94
N ILE B 120 11.38 -12.22 32.65
CA ILE B 120 11.12 -12.75 31.32
C ILE B 120 10.96 -11.61 30.35
N ASP B 121 11.74 -11.64 29.27
CA ASP B 121 11.88 -10.50 28.38
C ASP B 121 11.54 -10.78 26.91
N SER B 122 11.40 -12.06 26.55
CA SER B 122 11.19 -12.44 25.16
C SER B 122 10.76 -13.89 25.08
N ALA B 123 10.40 -14.35 23.89
CA ALA B 123 10.01 -15.74 23.68
C ALA B 123 11.18 -16.69 23.97
N ASP B 124 12.39 -16.28 23.59
CA ASP B 124 13.54 -17.13 23.85
C ASP B 124 13.63 -17.45 25.35
N ASP B 125 13.42 -16.44 26.17
CA ASP B 125 13.35 -16.66 27.64
C ASP B 125 12.35 -17.75 28.06
N LEU B 126 11.16 -17.79 27.45
CA LEU B 126 10.20 -18.84 27.78
C LEU B 126 10.67 -20.21 27.27
N ALA B 127 11.27 -20.22 26.09
CA ALA B 127 11.68 -21.46 25.45
C ALA B 127 12.83 -22.12 26.19
N LYS B 128 13.67 -21.30 26.84
CA LYS B 128 14.87 -21.79 27.55
C LYS B 128 14.56 -22.50 28.87
N GLN B 129 13.34 -22.37 29.37
CA GLN B 129 13.05 -22.87 30.72
C GLN B 129 11.79 -23.70 30.67
N THR B 130 11.40 -24.23 31.81
CA THR B 130 10.21 -25.07 31.85
C THR B 130 9.36 -24.88 33.13
N LYS B 131 9.82 -24.05 34.06
CA LYS B 131 9.03 -23.72 35.25
C LYS B 131 7.75 -22.98 34.85
N ILE B 132 7.88 -22.00 33.96
CA ILE B 132 6.78 -21.16 33.55
C ILE B 132 6.12 -21.78 32.35
N GLU B 133 4.86 -22.13 32.44
CA GLU B 133 4.23 -22.74 31.26
C GLU B 133 3.64 -21.67 30.32
N TYR B 134 3.31 -22.08 29.10
CA TYR B 134 2.90 -21.13 28.09
C TYR B 134 2.19 -21.85 26.97
N GLY B 135 1.34 -21.11 26.31
CA GLY B 135 0.47 -21.73 25.34
C GLY B 135 -0.22 -20.69 24.51
N ALA B 136 -1.32 -21.13 23.90
CA ALA B 136 -2.03 -20.31 22.95
C ALA B 136 -3.46 -20.79 22.85
N VAL B 137 -4.31 -20.03 22.16
CA VAL B 137 -5.68 -20.45 21.94
C VAL B 137 -5.73 -21.65 20.98
N LYS B 138 -6.47 -22.68 21.34
CA LYS B 138 -6.55 -23.87 20.51
C LYS B 138 -7.27 -23.57 19.21
N ASP B 139 -6.66 -24.04 18.13
CA ASP B 139 -7.22 -23.98 16.78
C ASP B 139 -7.41 -22.57 16.29
N GLY B 140 -6.52 -21.68 16.71
CA GLY B 140 -6.40 -20.34 16.15
C GLY B 140 -5.11 -20.17 15.37
N ALA B 141 -4.88 -18.96 14.87
CA ALA B 141 -3.75 -18.68 14.03
C ALA B 141 -2.44 -18.77 14.81
N THR B 142 -2.46 -18.37 16.07
CA THR B 142 -1.22 -18.31 16.80
C THR B 142 -0.77 -19.75 17.02
N MET B 143 -1.69 -20.64 17.38
CA MET B 143 -1.35 -22.07 17.52
C MET B 143 -0.75 -22.60 16.20
N THR B 144 -1.42 -22.30 15.10
CA THR B 144 -0.94 -22.78 13.79
C THR B 144 0.44 -22.19 13.47
N PHE B 145 0.65 -20.94 13.87
CA PHE B 145 1.97 -20.33 13.66
C PHE B 145 3.08 -21.16 14.35
N PHE B 146 2.84 -21.55 15.60
CA PHE B 146 3.88 -22.33 16.29
C PHE B 146 3.99 -23.74 15.75
N LYS B 147 2.84 -24.36 15.45
CA LYS B 147 2.82 -25.73 14.93
C LYS B 147 3.59 -25.85 13.62
N LYS B 148 3.47 -24.86 12.75
CA LYS B 148 4.12 -24.90 11.43
C LYS B 148 5.50 -24.30 11.44
N SER B 149 5.93 -23.71 12.55
CA SER B 149 7.17 -22.92 12.49
C SER B 149 8.38 -23.78 12.20
N LYS B 150 9.30 -23.26 11.40
CA LYS B 150 10.54 -23.95 11.09
C LYS B 150 11.70 -23.29 11.82
N ILE B 151 11.38 -22.30 12.66
CA ILE B 151 12.39 -21.58 13.46
C ILE B 151 12.64 -22.39 14.73
N SER B 152 13.91 -22.53 15.11
CA SER B 152 14.28 -23.45 16.15
C SER B 152 13.60 -23.11 17.48
N THR B 153 13.57 -21.83 17.83
CA THR B 153 12.98 -21.48 19.13
C THR B 153 11.50 -21.81 19.18
N PHE B 154 10.81 -21.56 18.08
CA PHE B 154 9.36 -21.77 18.01
C PHE B 154 8.99 -23.25 17.90
N GLU B 155 9.83 -24.04 17.22
CA GLU B 155 9.69 -25.48 17.25
C GLU B 155 9.80 -26.02 18.69
N LYS B 156 10.75 -25.49 19.44
CA LYS B 156 10.94 -25.90 20.81
C LYS B 156 9.69 -25.57 21.62
N MET B 157 9.19 -24.33 21.47
CA MET B 157 7.99 -23.88 22.16
C MET B 157 6.83 -24.78 21.74
N TRP B 158 6.75 -25.11 20.47
CA TRP B 158 5.65 -25.93 20.02
C TRP B 158 5.70 -27.31 20.65
N ALA B 159 6.91 -27.83 20.81
CA ALA B 159 7.05 -29.14 21.45
C ALA B 159 6.40 -29.09 22.83
N PHE B 160 6.70 -28.01 23.56
CA PHE B 160 6.18 -27.78 24.91
C PHE B 160 4.67 -27.67 25.00
N MET B 161 4.11 -26.68 24.31
CA MET B 161 2.66 -26.42 24.30
C MET B 161 1.92 -27.67 23.95
N SER B 162 2.37 -28.25 22.86
CA SER B 162 1.79 -29.44 22.25
C SER B 162 1.74 -30.63 23.21
N SER B 163 2.63 -30.63 24.21
CA SER B 163 2.79 -31.77 25.11
C SER B 163 2.03 -31.59 26.43
N LYS B 164 2.11 -30.39 27.02
CA LYS B 164 1.50 -30.16 28.31
C LYS B 164 -0.01 -30.09 28.14
N PRO B 165 -0.74 -30.79 29.01
CA PRO B 165 -2.20 -30.74 28.89
C PRO B 165 -2.69 -29.37 29.30
N SER B 166 -3.69 -28.85 28.60
CA SER B 166 -4.32 -27.59 29.00
C SER B 166 -3.40 -26.36 28.81
N ALA B 167 -2.22 -26.53 28.21
CA ALA B 167 -1.43 -25.36 27.80
C ALA B 167 -2.16 -24.65 26.65
N LEU B 168 -2.88 -25.42 25.85
CA LEU B 168 -3.65 -24.80 24.77
C LEU B 168 -5.03 -24.55 25.28
N VAL B 169 -5.42 -23.28 25.34
CA VAL B 169 -6.65 -22.91 26.02
C VAL B 169 -7.82 -22.78 25.03
N LYS B 170 -9.04 -22.92 25.53
CA LYS B 170 -10.19 -22.93 24.61
C LYS B 170 -10.47 -21.57 23.94
N ASN B 171 -10.18 -20.48 24.63
CA ASN B 171 -10.39 -19.14 24.08
C ASN B 171 -9.56 -18.16 24.87
N ASN B 172 -9.58 -16.90 24.46
CA ASN B 172 -8.73 -15.91 25.12
C ASN B 172 -9.07 -15.79 26.60
N GLU B 173 -10.36 -15.71 26.91
CA GLU B 173 -10.76 -15.51 28.31
C GLU B 173 -10.10 -16.55 29.22
N GLU B 174 -10.12 -17.81 28.80
CA GLU B 174 -9.54 -18.88 29.60
C GLU B 174 -8.03 -18.73 29.66
N GLY B 175 -7.42 -18.23 28.58
CA GLY B 175 -6.00 -18.00 28.62
C GLY B 175 -5.68 -16.86 29.55
N ILE B 176 -6.51 -15.83 29.52
CA ILE B 176 -6.26 -14.68 30.39
C ILE B 176 -6.37 -15.13 31.84
N GLN B 177 -7.35 -15.97 32.13
CA GLN B 177 -7.53 -16.46 33.50
C GLN B 177 -6.38 -17.32 33.94
N ARG B 178 -5.78 -18.06 33.02
CA ARG B 178 -4.68 -18.94 33.41
C ARG B 178 -3.45 -18.06 33.70
N THR B 179 -3.29 -16.97 32.95
CA THR B 179 -2.20 -16.03 33.21
C THR B 179 -2.36 -15.40 34.63
N LEU B 180 -3.60 -15.12 35.03
CA LEU B 180 -3.86 -14.52 36.36
C LEU B 180 -3.71 -15.48 37.55
N THR B 181 -4.04 -16.76 37.37
CA THR B 181 -4.08 -17.66 38.49
C THR B 181 -2.93 -18.65 38.55
N ALA B 182 -2.14 -18.73 37.48
CA ALA B 182 -1.05 -19.68 37.47
C ALA B 182 0.19 -19.05 36.87
N ASP B 183 1.29 -19.79 36.90
CA ASP B 183 2.54 -19.30 36.35
C ASP B 183 2.54 -19.62 34.86
N TYR B 184 1.85 -18.78 34.12
CA TYR B 184 1.54 -19.06 32.72
C TYR B 184 1.66 -17.80 31.88
N ALA B 185 2.26 -17.95 30.70
CA ALA B 185 2.32 -16.87 29.71
C ALA B 185 1.51 -17.26 28.47
N LEU B 186 0.68 -16.35 28.00
CA LEU B 186 -0.15 -16.62 26.84
C LEU B 186 0.42 -16.01 25.56
N LEU B 187 0.59 -16.84 24.53
CA LEU B 187 0.95 -16.31 23.20
C LEU B 187 -0.34 -15.82 22.57
N MET B 188 -0.42 -14.51 22.37
CA MET B 188 -1.68 -13.82 22.07
C MET B 188 -1.45 -12.67 21.09
N GLU B 189 -2.45 -12.29 20.30
CA GLU B 189 -2.29 -11.20 19.33
C GLU B 189 -2.25 -9.82 20.01
N SER B 190 -1.46 -8.93 19.45
CA SER B 190 -1.01 -7.70 20.14
C SER B 190 -2.12 -6.71 20.43
N THR B 191 -3.10 -6.63 19.55
CA THR B 191 -4.23 -5.73 19.78
C THR B 191 -5.11 -6.17 20.95
N THR B 192 -5.23 -7.47 21.18
CA THR B 192 -5.93 -7.91 22.37
C THR B 192 -5.09 -7.67 23.62
N ILE B 193 -3.78 -7.90 23.50
CA ILE B 193 -2.89 -7.65 24.62
C ILE B 193 -3.03 -6.18 25.04
N GLU B 194 -3.05 -5.30 24.05
CA GLU B 194 -3.23 -3.87 24.30
C GLU B 194 -4.51 -3.63 25.06
N TYR B 195 -5.60 -4.31 24.67
CA TYR B 195 -6.88 -4.07 25.29
C TYR B 195 -6.89 -4.51 26.77
N ILE B 196 -6.23 -5.64 27.02
CA ILE B 196 -6.21 -6.29 28.32
C ILE B 196 -5.24 -5.60 29.28
N THR B 197 -4.10 -5.15 28.78
CA THR B 197 -3.08 -4.54 29.65
C THR B 197 -3.40 -3.12 30.10
N GLN B 198 -4.32 -2.45 29.44
CA GLN B 198 -4.74 -1.15 29.96
C GLN B 198 -5.98 -1.29 30.88
N ARG B 199 -6.54 -2.49 30.96
CA ARG B 199 -7.64 -2.81 31.91
C ARG B 199 -7.14 -3.59 33.14
N ASN B 200 -5.99 -4.25 33.00
CA ASN B 200 -5.41 -5.04 34.07
C ASN B 200 -3.96 -4.65 34.28
N CYS B 201 -3.71 -3.80 35.27
CA CYS B 201 -2.42 -3.13 35.39
C CYS B 201 -1.35 -4.07 35.95
N ASN B 202 -1.74 -5.28 36.32
CA ASN B 202 -0.76 -6.27 36.76
C ASN B 202 -0.27 -7.18 35.62
N LEU B 203 -0.81 -6.99 34.42
CA LEU B 203 -0.37 -7.77 33.26
C LEU B 203 0.37 -6.86 32.27
N THR B 204 1.23 -7.46 31.48
CA THR B 204 1.95 -6.68 30.49
C THR B 204 2.29 -7.49 29.25
N GLN B 205 2.65 -6.78 28.17
CA GLN B 205 3.13 -7.44 26.96
C GLN B 205 4.59 -7.71 27.19
N ILE B 206 5.04 -8.94 26.90
CA ILE B 206 6.46 -9.28 27.01
C ILE B 206 7.07 -9.30 25.60
N GLY B 207 8.07 -8.46 25.40
CA GLY B 207 8.80 -8.39 24.14
C GLY B 207 8.00 -7.58 23.14
N GLY B 208 8.31 -7.73 21.87
CA GLY B 208 7.56 -7.00 20.87
C GLY B 208 6.80 -7.98 20.01
N LEU B 209 6.59 -7.61 18.76
CA LEU B 209 5.85 -8.49 17.86
C LEU B 209 6.75 -9.59 17.33
N ILE B 210 6.30 -10.83 17.41
CA ILE B 210 6.96 -11.98 16.79
C ILE B 210 6.77 -12.04 15.27
N ASP B 211 5.62 -11.59 14.78
CA ASP B 211 5.37 -11.51 13.36
C ASP B 211 4.49 -10.30 13.13
N SER B 212 4.05 -10.12 11.90
CA SER B 212 3.25 -8.95 11.54
C SER B 212 2.19 -9.42 10.52
N LYS B 213 0.93 -9.16 10.84
CA LYS B 213 -0.22 -9.69 10.10
C LYS B 213 -1.36 -8.70 10.19
N GLY B 214 -2.50 -9.05 9.60
CA GLY B 214 -3.72 -8.30 9.90
C GLY B 214 -4.97 -9.16 10.02
N TYR B 215 -6.06 -8.49 10.35
CA TYR B 215 -7.39 -9.10 10.41
C TYR B 215 -8.11 -8.67 9.15
N GLY B 216 -8.85 -9.57 8.54
CA GLY B 216 -9.60 -9.23 7.34
C GLY B 216 -10.95 -9.90 7.42
N ILE B 217 -11.89 -9.46 6.59
CA ILE B 217 -13.20 -10.09 6.50
C ILE B 217 -13.03 -11.34 5.69
N GLY B 218 -13.51 -12.46 6.23
CA GLY B 218 -13.40 -13.71 5.48
C GLY B 218 -14.58 -13.89 4.53
N THR B 219 -14.33 -14.48 3.36
CA THR B 219 -15.42 -14.95 2.49
C THR B 219 -15.13 -16.34 1.93
N PRO B 220 -16.18 -17.04 1.46
CA PRO B 220 -15.85 -18.25 0.70
C PRO B 220 -15.03 -17.87 -0.52
N MET B 221 -14.17 -18.77 -0.97
CA MET B 221 -13.29 -18.47 -2.07
C MET B 221 -14.07 -18.18 -3.36
N GLY B 222 -13.68 -17.12 -4.05
CA GLY B 222 -14.35 -16.72 -5.28
C GLY B 222 -15.43 -15.67 -5.09
N SER B 223 -15.82 -15.42 -3.84
CA SER B 223 -16.93 -14.49 -3.55
C SER B 223 -16.68 -13.11 -4.14
N PRO B 224 -17.69 -12.55 -4.81
CA PRO B 224 -17.61 -11.20 -5.36
C PRO B 224 -17.62 -10.12 -4.28
N TYR B 225 -18.11 -10.45 -3.09
CA TYR B 225 -18.03 -9.51 -1.98
C TYR B 225 -16.62 -9.21 -1.49
N ARG B 226 -15.66 -10.11 -1.71
CA ARG B 226 -14.36 -9.87 -1.12
C ARG B 226 -13.81 -8.53 -1.58
N ASP B 227 -13.89 -8.29 -2.88
CA ASP B 227 -13.34 -7.07 -3.45
C ASP B 227 -14.22 -5.87 -3.11
N LYS B 228 -15.53 -6.08 -3.05
CA LYS B 228 -16.45 -5.02 -2.65
C LYS B 228 -16.11 -4.62 -1.22
N ILE B 229 -15.86 -5.60 -0.36
CA ILE B 229 -15.54 -5.31 1.03
C ILE B 229 -14.20 -4.60 1.14
N THR B 230 -13.23 -4.99 0.29
CA THR B 230 -11.98 -4.26 0.26
C THR B 230 -12.17 -2.79 -0.14
N ILE B 231 -13.01 -2.53 -1.13
CA ILE B 231 -13.26 -1.16 -1.56
C ILE B 231 -13.92 -0.36 -0.42
N ALA B 232 -14.80 -1.03 0.29
CA ALA B 232 -15.50 -0.38 1.37
C ALA B 232 -14.51 -0.10 2.53
N ILE B 233 -13.56 -1.01 2.77
CA ILE B 233 -12.57 -0.79 3.85
C ILE B 233 -11.65 0.37 3.45
N LEU B 234 -11.20 0.38 2.19
CA LEU B 234 -10.41 1.50 1.70
C LEU B 234 -11.19 2.82 1.90
N GLN B 235 -12.49 2.80 1.67
CA GLN B 235 -13.27 4.02 1.81
C GLN B 235 -13.21 4.54 3.23
N LEU B 236 -13.46 3.63 4.17
CA LEU B 236 -13.36 3.95 5.61
C LEU B 236 -11.97 4.44 6.06
N GLN B 237 -10.91 3.91 5.48
CA GLN B 237 -9.54 4.40 5.72
C GLN B 237 -9.27 5.79 5.16
N GLU B 238 -9.82 6.12 3.99
CA GLU B 238 -9.69 7.48 3.45
C GLU B 238 -10.48 8.45 4.35
N GLU B 239 -11.60 7.97 4.89
CA GLU B 239 -12.41 8.79 5.75
C GLU B 239 -11.83 8.66 7.17
N ASP B 240 -10.59 8.15 7.28
CA ASP B 240 -9.91 7.94 8.55
C ASP B 240 -10.89 7.61 9.67
N LYS B 241 -11.81 6.67 9.39
CA LYS B 241 -12.89 6.31 10.32
C LYS B 241 -12.63 5.04 11.12
N LEU B 242 -11.73 4.20 10.63
CA LEU B 242 -11.41 2.97 11.35
C LEU B 242 -10.52 3.27 12.54
N HIS B 243 -9.63 4.24 12.41
CA HIS B 243 -8.72 4.55 13.50
C HIS B 243 -9.52 5.13 14.65
N ILE B 244 -10.62 5.78 14.30
CA ILE B 244 -11.57 6.29 15.26
C ILE B 244 -12.35 5.18 15.96
N MET B 245 -12.87 4.26 15.15
CA MET B 245 -13.59 3.10 15.67
C MET B 245 -12.73 2.34 16.65
N LYS B 246 -11.42 2.28 16.40
CA LYS B 246 -10.52 1.57 17.29
C LYS B 246 -10.41 2.33 18.60
N GLU B 247 -10.06 3.61 18.52
CA GLU B 247 -9.78 4.39 19.71
C GLU B 247 -11.01 4.22 20.60
N LYS B 248 -12.17 4.17 19.96
CA LYS B 248 -13.44 4.07 20.63
C LYS B 248 -13.66 2.81 21.47
N TRP B 249 -13.29 1.67 20.92
CA TRP B 249 -13.53 0.41 21.59
C TRP B 249 -12.37 0.03 22.48
N TRP B 250 -11.21 0.66 22.24
CA TRP B 250 -9.96 0.42 23.01
C TRP B 250 -9.77 1.46 24.14
N ARG B 251 -10.71 2.41 24.26
CA ARG B 251 -10.79 3.32 25.42
C ARG B 251 -9.49 4.13 25.54
N GLY B 252 -8.83 4.22 26.71
CA GLY B 252 -9.30 3.76 28.01
C GLY B 252 -8.34 4.07 29.15
N SER B 253 -8.88 4.32 30.34
CA SER B 253 -8.05 4.72 31.49
C SER B 253 -6.93 3.70 31.65
N GLY B 254 -5.76 4.20 32.06
CA GLY B 254 -4.56 3.39 31.99
C GLY B 254 -4.06 2.88 33.31
N CYS B 255 -2.75 2.70 33.35
CA CYS B 255 -2.12 2.07 34.48
C CYS B 255 -0.98 2.95 34.97
N PRO B 256 -1.06 3.39 36.24
CA PRO B 256 -0.05 4.29 36.80
C PRO B 256 1.35 3.97 36.32
N ASN C 3 17.51 5.56 -21.34
CA ASN C 3 16.97 4.29 -20.85
C ASN C 3 17.97 3.15 -20.95
N ARG C 4 19.20 3.35 -20.46
CA ARG C 4 20.23 2.30 -20.54
C ARG C 4 19.78 1.03 -19.82
N SER C 5 19.98 -0.12 -20.45
CA SER C 5 19.52 -1.37 -19.83
C SER C 5 20.44 -1.80 -18.70
N LEU C 6 19.85 -2.25 -17.60
CA LEU C 6 20.62 -2.79 -16.49
C LEU C 6 21.07 -4.21 -16.86
N ILE C 7 22.28 -4.56 -16.50
CA ILE C 7 22.77 -5.90 -16.70
C ILE C 7 22.42 -6.71 -15.45
N VAL C 8 21.70 -7.80 -15.65
CA VAL C 8 21.29 -8.69 -14.57
C VAL C 8 22.12 -9.97 -14.61
N THR C 9 22.84 -10.25 -13.54
CA THR C 9 23.57 -11.51 -13.49
C THR C 9 22.71 -12.54 -12.75
N THR C 10 22.83 -13.80 -13.16
CA THR C 10 22.06 -14.90 -12.59
C THR C 10 22.68 -16.24 -12.99
N LEU C 11 22.01 -17.32 -12.62
CA LEU C 11 22.49 -18.65 -12.95
C LEU C 11 21.32 -19.59 -13.02
N LEU C 12 21.48 -20.67 -13.78
CA LEU C 12 20.40 -21.65 -13.91
C LEU C 12 20.26 -22.37 -12.59
N GLU C 13 19.07 -22.33 -12.00
CA GLU C 13 18.77 -23.06 -10.77
C GLU C 13 17.27 -23.26 -10.68
N GLU C 14 16.82 -24.51 -10.81
CA GLU C 14 15.37 -24.82 -10.71
C GLU C 14 14.86 -24.59 -9.30
N PRO C 15 13.65 -24.01 -9.13
CA PRO C 15 12.72 -23.47 -10.13
C PRO C 15 12.87 -21.96 -10.26
N PHE C 16 14.00 -21.42 -9.83
CA PHE C 16 14.21 -19.96 -9.85
C PHE C 16 14.52 -19.40 -11.26
N VAL C 17 15.37 -20.09 -12.01
CA VAL C 17 15.81 -19.65 -13.33
C VAL C 17 16.04 -20.91 -14.15
N MET C 18 15.32 -21.00 -15.25
CA MET C 18 15.34 -22.17 -16.09
C MET C 18 15.25 -21.74 -17.53
N PHE C 19 15.73 -22.58 -18.43
CA PHE C 19 15.51 -22.35 -19.85
C PHE C 19 14.09 -22.75 -20.19
N ARG C 20 13.31 -21.87 -20.81
CA ARG C 20 11.93 -22.24 -21.11
C ARG C 20 11.90 -23.19 -22.31
N LYS C 21 10.87 -24.02 -22.37
CA LYS C 21 10.76 -25.05 -23.40
C LYS C 21 10.32 -24.41 -24.70
N SER C 22 10.96 -24.76 -25.81
CA SER C 22 10.49 -24.27 -27.09
C SER C 22 10.82 -25.21 -28.25
N ASP C 23 10.20 -24.95 -29.40
CA ASP C 23 10.42 -25.78 -30.57
C ASP C 23 11.40 -25.12 -31.54
N ARG C 24 12.03 -24.03 -31.09
CA ARG C 24 13.06 -23.34 -31.86
C ARG C 24 14.10 -22.77 -30.90
N THR C 25 15.19 -22.23 -31.44
CA THR C 25 16.23 -21.65 -30.60
C THR C 25 15.78 -20.27 -30.12
N LEU C 26 15.64 -20.08 -28.81
CA LEU C 26 15.27 -18.79 -28.23
C LEU C 26 16.52 -17.95 -27.96
N TYR C 27 16.38 -16.63 -27.81
CA TYR C 27 17.58 -15.82 -27.57
C TYR C 27 17.23 -14.64 -26.66
N GLY C 28 18.26 -14.04 -26.06
CA GLY C 28 18.05 -12.92 -25.15
C GLY C 28 17.23 -13.32 -23.93
N ASN C 29 16.53 -12.36 -23.35
CA ASN C 29 15.78 -12.60 -22.12
C ASN C 29 14.70 -13.66 -22.27
N ASP C 30 14.15 -13.77 -23.47
CA ASP C 30 13.12 -14.73 -23.80
C ASP C 30 13.52 -16.19 -23.53
N ARG C 31 14.81 -16.46 -23.36
CA ARG C 31 15.26 -17.84 -23.08
C ARG C 31 14.78 -18.37 -21.73
N PHE C 32 14.47 -17.45 -20.81
CA PHE C 32 14.42 -17.81 -19.38
C PHE C 32 13.05 -17.73 -18.77
N GLU C 33 12.81 -18.54 -17.74
CA GLU C 33 11.55 -18.49 -17.04
C GLU C 33 11.82 -18.99 -15.61
N GLY C 34 10.89 -18.72 -14.69
CA GLY C 34 10.99 -19.25 -13.34
C GLY C 34 10.69 -18.20 -12.27
N TYR C 35 10.76 -18.61 -11.00
CA TYR C 35 10.42 -17.66 -9.92
C TYR C 35 11.22 -16.35 -10.01
N CYS C 36 12.55 -16.42 -10.18
CA CYS C 36 13.33 -15.19 -10.12
C CYS C 36 13.15 -14.38 -11.38
N ILE C 37 12.77 -15.02 -12.47
CA ILE C 37 12.45 -14.27 -13.69
C ILE C 37 11.17 -13.46 -13.48
N ASP C 38 10.18 -14.09 -12.83
CA ASP C 38 8.93 -13.40 -12.59
C ASP C 38 9.18 -12.25 -11.63
N LEU C 39 10.07 -12.46 -10.65
CA LEU C 39 10.43 -11.41 -9.70
C LEU C 39 11.12 -10.23 -10.37
N LEU C 40 12.07 -10.55 -11.24
CA LEU C 40 12.73 -9.55 -12.08
C LEU C 40 11.74 -8.77 -12.93
N LYS C 41 10.78 -9.47 -13.53
CA LYS C 41 9.76 -8.76 -14.32
C LYS C 41 8.98 -7.77 -13.46
N GLU C 42 8.67 -8.17 -12.23
CA GLU C 42 7.93 -7.28 -11.31
C GLU C 42 8.77 -6.08 -10.95
N LEU C 43 10.06 -6.31 -10.65
CA LEU C 43 10.97 -5.21 -10.29
C LEU C 43 11.13 -4.22 -11.43
N ALA C 44 11.31 -4.74 -12.63
CA ALA C 44 11.49 -3.91 -13.81
C ALA C 44 10.26 -3.03 -14.07
N HIS C 45 9.09 -3.61 -13.81
CA HIS C 45 7.84 -2.88 -13.96
C HIS C 45 7.70 -1.78 -12.91
N ILE C 46 7.96 -2.13 -11.65
CA ILE C 46 7.76 -1.18 -10.55
C ILE C 46 8.79 -0.06 -10.66
N LEU C 47 10.05 -0.40 -10.97
CA LEU C 47 11.09 0.63 -10.96
C LEU C 47 11.18 1.35 -12.30
N GLY C 48 10.60 0.76 -13.33
CA GLY C 48 10.79 1.26 -14.68
C GLY C 48 12.19 1.16 -15.26
N PHE C 49 12.74 -0.06 -15.35
CA PHE C 49 13.97 -0.22 -16.06
C PHE C 49 13.83 -1.34 -17.06
N SER C 50 14.69 -1.27 -18.07
CA SER C 50 14.88 -2.38 -19.00
C SER C 50 16.16 -3.09 -18.61
N TYR C 51 16.30 -4.33 -19.05
CA TYR C 51 17.40 -5.13 -18.60
C TYR C 51 17.81 -6.21 -19.61
N GLU C 52 19.02 -6.69 -19.41
CA GLU C 52 19.59 -7.80 -20.19
C GLU C 52 20.11 -8.88 -19.22
N ILE C 53 19.56 -10.09 -19.30
CA ILE C 53 20.01 -11.18 -18.41
C ILE C 53 21.27 -11.83 -18.96
N ARG C 54 22.27 -11.99 -18.09
CA ARG C 54 23.54 -12.66 -18.46
C ARG C 54 23.89 -13.70 -17.43
N LEU C 55 23.98 -14.96 -17.86
CA LEU C 55 24.37 -16.02 -16.92
C LEU C 55 25.82 -15.84 -16.52
N VAL C 56 26.10 -15.96 -15.24
CA VAL C 56 27.45 -15.73 -14.74
C VAL C 56 28.39 -16.82 -15.33
N GLU C 57 29.52 -16.42 -15.89
CA GLU C 57 30.35 -17.34 -16.68
C GLU C 57 30.78 -18.56 -15.87
N ASP C 58 31.25 -18.36 -14.64
CA ASP C 58 31.76 -19.51 -13.87
C ASP C 58 30.66 -20.34 -13.18
N GLY C 59 29.40 -19.94 -13.35
CA GLY C 59 28.29 -20.71 -12.80
C GLY C 59 28.24 -20.78 -11.29
N LYS C 60 28.92 -19.85 -10.63
CA LYS C 60 28.97 -19.86 -9.17
C LYS C 60 28.16 -18.72 -8.51
N TYR C 61 27.76 -18.95 -7.26
CA TYR C 61 27.10 -17.92 -6.44
C TYR C 61 28.13 -16.92 -5.92
N GLY C 62 29.14 -17.43 -5.23
CA GLY C 62 30.31 -16.64 -4.92
C GLY C 62 30.86 -16.91 -3.55
N ALA C 63 32.18 -17.09 -3.51
CA ALA C 63 32.90 -17.21 -2.26
C ALA C 63 34.29 -16.57 -2.40
N GLN C 64 34.94 -16.30 -1.26
CA GLN C 64 36.30 -15.73 -1.22
C GLN C 64 37.42 -16.77 -1.20
N ASP C 65 38.45 -16.59 -2.01
CA ASP C 65 39.66 -17.41 -1.87
C ASP C 65 40.49 -16.90 -0.68
N ASP C 66 41.64 -17.53 -0.44
CA ASP C 66 42.47 -17.18 0.71
C ASP C 66 43.00 -15.75 0.69
N LYS C 67 43.13 -15.18 -0.51
CA LYS C 67 43.56 -13.80 -0.69
C LYS C 67 42.40 -12.83 -0.69
N GLY C 68 41.21 -13.31 -0.33
CA GLY C 68 40.04 -12.45 -0.26
C GLY C 68 39.41 -12.10 -1.60
N GLN C 69 39.81 -12.77 -2.67
CA GLN C 69 39.20 -12.50 -3.98
C GLN C 69 37.88 -13.28 -4.17
N TRP C 70 36.85 -12.62 -4.72
CA TRP C 70 35.55 -13.27 -4.91
C TRP C 70 35.42 -13.92 -6.29
N ASN C 71 34.48 -14.86 -6.43
CA ASN C 71 34.10 -15.34 -7.75
C ASN C 71 32.58 -15.32 -7.88
N GLY C 72 32.04 -15.94 -8.91
CA GLY C 72 30.59 -16.04 -9.04
C GLY C 72 29.86 -14.72 -9.25
N MET C 73 28.55 -14.76 -9.04
CA MET C 73 27.72 -13.54 -9.14
C MET C 73 28.22 -12.41 -8.23
N VAL C 74 28.71 -12.75 -7.06
CA VAL C 74 29.20 -11.73 -6.14
C VAL C 74 30.33 -10.93 -6.80
N LYS C 75 31.24 -11.65 -7.46
CA LYS C 75 32.37 -11.02 -8.16
C LYS C 75 31.89 -10.12 -9.29
N GLU C 76 30.90 -10.58 -10.07
CA GLU C 76 30.32 -9.76 -11.16
C GLU C 76 29.82 -8.41 -10.63
N LEU C 77 29.22 -8.41 -9.45
CA LEU C 77 28.71 -7.18 -8.84
C LEU C 77 29.88 -6.30 -8.35
N ILE C 78 30.84 -6.91 -7.67
CA ILE C 78 32.01 -6.19 -7.18
C ILE C 78 32.72 -5.46 -8.32
N ASP C 79 32.93 -6.16 -9.43
CA ASP C 79 33.67 -5.58 -10.57
C ASP C 79 32.78 -4.71 -11.42
N HIS C 80 31.55 -4.46 -10.96
CA HIS C 80 30.60 -3.57 -11.63
C HIS C 80 30.38 -4.11 -13.06
N LYS C 81 30.43 -5.42 -13.22
CA LYS C 81 30.07 -6.00 -14.50
C LYS C 81 28.57 -6.20 -14.62
N ALA C 82 27.87 -6.28 -13.49
CA ALA C 82 26.41 -6.36 -13.50
C ALA C 82 25.82 -5.31 -12.53
N ASP C 83 24.64 -4.81 -12.86
CA ASP C 83 23.90 -3.91 -11.95
C ASP C 83 23.14 -4.61 -10.83
N LEU C 84 22.65 -5.81 -11.11
CA LEU C 84 21.84 -6.54 -10.16
C LEU C 84 22.11 -8.02 -10.31
N ALA C 85 22.05 -8.77 -9.20
CA ALA C 85 22.04 -10.25 -9.27
C ALA C 85 20.65 -10.66 -8.82
N VAL C 86 19.92 -11.31 -9.73
CA VAL C 86 18.55 -11.74 -9.44
C VAL C 86 18.55 -13.25 -9.46
N ALA C 87 18.56 -13.82 -8.27
CA ALA C 87 18.84 -15.23 -8.08
C ALA C 87 18.53 -15.57 -6.63
N PRO C 88 18.53 -16.86 -6.31
CA PRO C 88 18.32 -17.18 -4.90
C PRO C 88 19.68 -16.96 -4.23
N LEU C 89 20.01 -15.70 -4.04
CA LEU C 89 21.31 -15.28 -3.55
C LEU C 89 21.23 -15.08 -2.05
N THR C 90 21.95 -15.89 -1.31
CA THR C 90 21.81 -15.86 0.16
C THR C 90 22.47 -14.63 0.79
N ILE C 91 21.74 -13.93 1.64
CA ILE C 91 22.26 -12.74 2.35
C ILE C 91 23.13 -13.18 3.52
N THR C 92 24.41 -12.82 3.48
CA THR C 92 25.28 -13.24 4.56
C THR C 92 26.16 -12.08 4.96
N HIS C 93 26.60 -12.11 6.22
CA HIS C 93 27.45 -11.06 6.74
C HIS C 93 28.69 -10.84 5.87
N VAL C 94 29.40 -11.90 5.51
CA VAL C 94 30.62 -11.71 4.72
C VAL C 94 30.31 -11.12 3.35
N ARG C 95 29.15 -11.43 2.80
CA ARG C 95 28.80 -10.86 1.51
C ARG C 95 28.38 -9.38 1.64
N GLU C 96 27.69 -9.03 2.73
CA GLU C 96 27.25 -7.64 2.92
C GLU C 96 28.42 -6.67 3.04
N LYS C 97 29.60 -7.20 3.31
CA LYS C 97 30.80 -6.37 3.30
C LYS C 97 31.28 -6.03 1.89
N ALA C 98 30.88 -6.81 0.89
CA ALA C 98 31.37 -6.58 -0.46
C ALA C 98 30.30 -6.06 -1.41
N ILE C 99 29.03 -6.39 -1.14
CA ILE C 99 27.93 -5.98 -2.02
C ILE C 99 26.77 -5.57 -1.15
N ASP C 100 25.79 -4.89 -1.75
CA ASP C 100 24.57 -4.50 -1.05
C ASP C 100 23.46 -5.51 -1.39
N PHE C 101 22.52 -5.73 -0.46
CA PHE C 101 21.36 -6.60 -0.70
C PHE C 101 20.08 -5.83 -0.43
N SER C 102 19.02 -6.14 -1.17
CA SER C 102 17.66 -5.77 -0.79
C SER C 102 17.29 -6.48 0.50
N LYS C 103 16.20 -6.06 1.10
CA LYS C 103 15.56 -6.90 2.11
C LYS C 103 15.14 -8.23 1.48
N PRO C 104 14.97 -9.29 2.29
CA PRO C 104 14.78 -10.62 1.67
C PRO C 104 13.42 -10.80 1.02
N PHE C 105 13.39 -11.57 -0.06
CA PHE C 105 12.14 -11.90 -0.73
C PHE C 105 11.70 -13.33 -0.40
N MET C 106 12.56 -14.09 0.26
CA MET C 106 12.22 -15.45 0.63
C MET C 106 13.11 -15.83 1.79
N THR C 107 12.57 -16.59 2.74
CA THR C 107 13.34 -17.06 3.86
C THR C 107 13.61 -18.55 3.74
N LEU C 108 14.75 -19.00 4.26
CA LEU C 108 15.13 -20.41 4.11
C LEU C 108 16.13 -20.78 5.19
N GLY C 109 16.51 -22.04 5.23
CA GLY C 109 17.62 -22.38 6.08
C GLY C 109 18.30 -23.62 5.53
N VAL C 110 19.52 -23.85 5.97
CA VAL C 110 20.26 -25.03 5.58
C VAL C 110 19.65 -26.30 6.19
N SER C 111 19.47 -27.31 5.35
CA SER C 111 19.02 -28.61 5.81
C SER C 111 19.69 -29.69 4.94
N ILE C 112 19.15 -30.92 4.95
CA ILE C 112 19.82 -32.08 4.36
C ILE C 112 18.90 -32.79 3.40
N LEU C 113 19.39 -33.08 2.17
CA LEU C 113 18.61 -33.84 1.19
C LEU C 113 19.18 -35.25 1.17
N TYR C 114 18.32 -36.26 1.26
CA TYR C 114 18.79 -37.65 1.33
C TYR C 114 17.69 -38.62 0.88
N ARG C 115 18.10 -39.82 0.47
CA ARG C 115 17.17 -40.92 0.17
C ARG C 115 16.29 -41.19 1.37
N LYS C 116 15.02 -41.48 1.11
CA LYS C 116 14.12 -41.91 2.17
C LYS C 116 14.52 -43.30 2.65
N GLY C 117 14.08 -43.64 3.85
CA GLY C 117 14.10 -45.01 4.34
C GLY C 117 15.27 -45.37 5.22
N THR C 118 15.97 -44.37 5.75
CA THR C 118 17.14 -44.64 6.59
C THR C 118 16.92 -44.24 8.04
N PRO C 119 17.86 -44.65 8.90
CA PRO C 119 17.81 -44.33 10.33
C PRO C 119 18.17 -42.88 10.61
N ILE C 120 18.95 -42.23 9.74
CA ILE C 120 19.54 -40.95 10.10
C ILE C 120 18.51 -39.84 10.15
N ASP C 121 18.70 -38.91 11.08
CA ASP C 121 17.71 -37.88 11.31
C ASP C 121 18.32 -36.52 11.64
N SER C 122 19.65 -36.37 11.52
CA SER C 122 20.28 -35.09 11.85
C SER C 122 21.69 -35.03 11.30
N ALA C 123 22.27 -33.83 11.30
CA ALA C 123 23.67 -33.64 10.91
C ALA C 123 24.57 -34.47 11.81
N ASP C 124 24.16 -34.58 13.07
CA ASP C 124 24.89 -35.36 14.04
C ASP C 124 25.26 -36.74 13.46
N ASP C 125 24.25 -37.44 12.97
CA ASP C 125 24.46 -38.80 12.47
C ASP C 125 25.49 -38.84 11.32
N LEU C 126 25.50 -37.82 10.47
CA LEU C 126 26.44 -37.84 9.35
C LEU C 126 27.87 -37.64 9.84
N ALA C 127 28.02 -36.68 10.75
CA ALA C 127 29.34 -36.30 11.22
C ALA C 127 30.00 -37.48 11.96
N LYS C 128 29.17 -38.35 12.53
CA LYS C 128 29.67 -39.54 13.28
C LYS C 128 30.29 -40.60 12.38
N GLN C 129 29.76 -40.71 11.16
CA GLN C 129 30.01 -41.85 10.30
C GLN C 129 30.72 -41.40 9.03
N THR C 130 31.36 -42.33 8.33
CA THR C 130 32.15 -42.04 7.12
C THR C 130 31.58 -42.70 5.87
N LYS C 131 30.76 -43.73 6.10
CA LYS C 131 30.10 -44.48 5.02
C LYS C 131 29.28 -43.61 4.07
N ILE C 132 28.27 -42.96 4.64
CA ILE C 132 27.45 -41.98 3.94
C ILE C 132 28.28 -40.73 3.70
N GLU C 133 28.50 -40.42 2.44
CA GLU C 133 29.25 -39.25 2.08
C GLU C 133 28.30 -38.03 2.16
N TYR C 134 28.84 -36.82 2.27
CA TYR C 134 27.99 -35.62 2.29
C TYR C 134 28.79 -34.37 1.86
N GLY C 135 28.06 -33.34 1.46
CA GLY C 135 28.73 -32.15 1.01
C GLY C 135 27.74 -31.07 0.65
N ALA C 136 28.16 -30.16 -0.23
CA ALA C 136 27.37 -28.98 -0.55
C ALA C 136 27.90 -28.39 -1.85
N VAL C 137 27.18 -27.42 -2.39
CA VAL C 137 27.63 -26.72 -3.56
C VAL C 137 28.92 -25.93 -3.30
N LYS C 138 29.93 -26.17 -4.11
CA LYS C 138 31.18 -25.44 -4.00
C LYS C 138 30.98 -23.95 -4.25
N ASP C 139 31.63 -23.16 -3.40
CA ASP C 139 31.65 -21.71 -3.48
C ASP C 139 30.26 -21.08 -3.41
N GLY C 140 29.38 -21.68 -2.61
CA GLY C 140 28.09 -21.09 -2.27
C GLY C 140 28.02 -20.86 -0.77
N ALA C 141 26.89 -20.34 -0.29
CA ALA C 141 26.76 -19.92 1.09
C ALA C 141 26.75 -21.11 2.07
N THR C 142 26.22 -22.25 1.65
CA THR C 142 26.20 -23.38 2.57
C THR C 142 27.64 -23.83 2.83
N MET C 143 28.45 -23.96 1.77
CA MET C 143 29.86 -24.34 1.96
C MET C 143 30.54 -23.38 2.93
N THR C 144 30.32 -22.08 2.71
CA THR C 144 30.97 -21.03 3.52
C THR C 144 30.50 -21.15 4.98
N PHE C 145 29.22 -21.46 5.17
CA PHE C 145 28.66 -21.66 6.49
C PHE C 145 29.44 -22.71 7.26
N PHE C 146 29.64 -23.85 6.62
CA PHE C 146 30.43 -24.92 7.26
C PHE C 146 31.89 -24.52 7.43
N LYS C 147 32.47 -23.90 6.41
CA LYS C 147 33.87 -23.51 6.48
C LYS C 147 34.07 -22.56 7.64
N LYS C 148 33.05 -21.76 7.93
CA LYS C 148 33.16 -20.76 9.01
C LYS C 148 32.68 -21.21 10.39
N SER C 149 32.05 -22.36 10.49
CA SER C 149 31.37 -22.68 11.74
C SER C 149 32.33 -22.99 12.87
N LYS C 150 31.92 -22.63 14.09
CA LYS C 150 32.66 -23.02 15.30
C LYS C 150 31.91 -24.08 16.11
N ILE C 151 30.82 -24.62 15.57
CA ILE C 151 30.16 -25.75 16.22
C ILE C 151 30.95 -27.03 15.91
N SER C 152 31.18 -27.83 16.95
CA SER C 152 31.97 -29.03 16.78
C SER C 152 31.45 -29.88 15.63
N THR C 153 30.14 -30.14 15.61
CA THR C 153 29.58 -31.00 14.58
C THR C 153 29.87 -30.46 13.16
N PHE C 154 29.82 -29.15 13.02
CA PHE C 154 29.97 -28.56 11.69
C PHE C 154 31.46 -28.46 11.29
N GLU C 155 32.35 -28.23 12.26
CA GLU C 155 33.79 -28.24 11.97
C GLU C 155 34.18 -29.65 11.50
N LYS C 156 33.59 -30.64 12.16
CA LYS C 156 33.83 -32.03 11.83
C LYS C 156 33.42 -32.26 10.39
N MET C 157 32.23 -31.75 10.07
CA MET C 157 31.66 -31.95 8.74
C MET C 157 32.46 -31.20 7.68
N TRP C 158 32.96 -30.02 8.04
CA TRP C 158 33.78 -29.29 7.09
C TRP C 158 35.11 -30.02 6.88
N ALA C 159 35.67 -30.57 7.95
CA ALA C 159 36.92 -31.30 7.86
C ALA C 159 36.76 -32.37 6.78
N PHE C 160 35.60 -33.05 6.80
CA PHE C 160 35.28 -34.06 5.79
C PHE C 160 35.17 -33.46 4.41
N MET C 161 34.23 -32.52 4.25
CA MET C 161 33.92 -31.96 2.94
C MET C 161 35.14 -31.36 2.28
N SER C 162 35.94 -30.68 3.09
CA SER C 162 37.16 -30.01 2.67
C SER C 162 38.18 -31.00 2.11
N SER C 163 38.12 -32.26 2.57
CA SER C 163 39.12 -33.26 2.17
C SER C 163 38.70 -34.15 1.01
N LYS C 164 37.45 -34.60 1.01
CA LYS C 164 36.97 -35.55 0.02
C LYS C 164 36.82 -34.81 -1.31
N PRO C 165 37.61 -35.23 -2.31
CA PRO C 165 37.78 -34.56 -3.61
C PRO C 165 36.47 -34.12 -4.23
N SER C 166 35.44 -34.94 -4.11
CA SER C 166 34.21 -34.74 -4.86
C SER C 166 32.97 -34.58 -3.98
N ALA C 167 33.20 -34.27 -2.71
CA ALA C 167 32.09 -33.99 -1.79
C ALA C 167 31.45 -32.66 -2.11
N LEU C 168 32.25 -31.73 -2.60
CA LEU C 168 31.71 -30.40 -2.93
C LEU C 168 31.33 -30.41 -4.41
N VAL C 169 30.04 -30.25 -4.70
CA VAL C 169 29.54 -30.46 -6.07
C VAL C 169 29.45 -29.13 -6.80
N LYS C 170 29.32 -29.17 -8.12
CA LYS C 170 29.38 -27.93 -8.91
C LYS C 170 28.14 -27.08 -8.69
N ASN C 171 26.99 -27.72 -8.51
CA ASN C 171 25.74 -26.98 -8.36
C ASN C 171 24.70 -27.93 -7.83
N ASN C 172 23.49 -27.44 -7.57
CA ASN C 172 22.44 -28.25 -6.94
C ASN C 172 22.11 -29.50 -7.73
N GLU C 173 22.00 -29.35 -9.04
CA GLU C 173 21.62 -30.48 -9.86
C GLU C 173 22.63 -31.61 -9.68
N GLU C 174 23.93 -31.27 -9.70
CA GLU C 174 24.94 -32.31 -9.61
C GLU C 174 24.79 -33.00 -8.25
N GLY C 175 24.48 -32.21 -7.25
CA GLY C 175 24.26 -32.73 -5.89
C GLY C 175 23.04 -33.62 -5.73
N ILE C 176 21.92 -33.22 -6.29
CA ILE C 176 20.70 -34.06 -6.30
C ILE C 176 20.93 -35.38 -7.03
N GLN C 177 21.59 -35.33 -8.18
CA GLN C 177 21.89 -36.58 -8.87
C GLN C 177 22.78 -37.45 -8.00
N ARG C 178 23.70 -36.83 -7.28
CA ARG C 178 24.61 -37.60 -6.39
C ARG C 178 23.79 -38.32 -5.33
N THR C 179 22.76 -37.68 -4.78
CA THR C 179 21.90 -38.35 -3.78
C THR C 179 21.07 -39.49 -4.37
N LEU C 180 20.83 -39.45 -5.68
CA LEU C 180 20.07 -40.54 -6.30
C LEU C 180 20.99 -41.65 -6.78
N THR C 181 22.26 -41.31 -6.94
CA THR C 181 23.22 -42.17 -7.61
C THR C 181 24.15 -42.88 -6.64
N ALA C 182 24.36 -42.27 -5.48
CA ALA C 182 25.30 -42.78 -4.50
C ALA C 182 24.77 -42.67 -3.10
N ASP C 183 25.55 -43.18 -2.16
CA ASP C 183 25.16 -43.03 -0.78
C ASP C 183 25.69 -41.70 -0.30
N TYR C 184 24.92 -40.64 -0.58
CA TYR C 184 25.39 -39.29 -0.39
C TYR C 184 24.21 -38.42 0.04
N ALA C 185 24.46 -37.51 0.98
CA ALA C 185 23.47 -36.58 1.45
C ALA C 185 23.97 -35.18 1.14
N LEU C 186 23.07 -34.31 0.70
CA LEU C 186 23.50 -33.01 0.24
C LEU C 186 23.03 -31.96 1.25
N LEU C 187 23.94 -31.12 1.70
CA LEU C 187 23.50 -30.02 2.54
C LEU C 187 23.05 -28.92 1.59
N MET C 188 21.81 -28.47 1.77
CA MET C 188 21.09 -27.69 0.73
C MET C 188 20.06 -26.76 1.38
N GLU C 189 19.73 -25.67 0.71
CA GLU C 189 18.81 -24.70 1.28
C GLU C 189 17.37 -25.23 1.22
N SER C 190 16.61 -24.99 2.28
CA SER C 190 15.34 -25.68 2.54
C SER C 190 14.20 -25.49 1.51
N THR C 191 14.06 -24.32 0.90
CA THR C 191 13.01 -24.18 -0.10
C THR C 191 13.36 -24.89 -1.41
N THR C 192 14.63 -25.08 -1.71
CA THR C 192 14.97 -25.92 -2.82
C THR C 192 14.68 -27.40 -2.49
N ILE C 193 14.97 -27.81 -1.26
CA ILE C 193 14.63 -29.15 -0.85
C ILE C 193 13.13 -29.36 -1.02
N GLU C 194 12.35 -28.39 -0.59
CA GLU C 194 10.90 -28.45 -0.69
C GLU C 194 10.46 -28.69 -2.14
N TYR C 195 11.00 -27.93 -3.07
CA TYR C 195 10.77 -28.15 -4.49
C TYR C 195 11.11 -29.58 -4.96
N ILE C 196 12.31 -30.04 -4.60
CA ILE C 196 12.79 -31.37 -5.07
C ILE C 196 11.93 -32.50 -4.49
N THR C 197 11.63 -32.46 -3.18
CA THR C 197 10.90 -33.58 -2.58
C THR C 197 9.41 -33.64 -3.00
N GLN C 198 8.89 -32.61 -3.64
CA GLN C 198 7.51 -32.68 -4.13
C GLN C 198 7.54 -33.31 -5.54
N ARG C 199 8.76 -33.51 -6.09
CA ARG C 199 8.94 -34.07 -7.42
C ARG C 199 9.64 -35.44 -7.39
N ASN C 200 10.64 -35.62 -6.53
CA ASN C 200 11.34 -36.90 -6.43
C ASN C 200 10.94 -37.62 -5.13
N CYS C 201 10.02 -38.58 -5.21
CA CYS C 201 9.45 -39.16 -3.98
C CYS C 201 10.43 -40.11 -3.29
N ASN C 202 11.53 -40.38 -3.96
CA ASN C 202 12.62 -41.19 -3.41
C ASN C 202 13.43 -40.38 -2.37
N LEU C 203 13.25 -39.07 -2.37
CA LEU C 203 14.10 -38.20 -1.56
C LEU C 203 13.31 -37.51 -0.47
N THR C 204 14.00 -37.15 0.60
CA THR C 204 13.33 -36.45 1.67
C THR C 204 14.29 -35.48 2.32
N GLN C 205 13.75 -34.58 3.13
CA GLN C 205 14.59 -33.75 3.96
C GLN C 205 14.93 -34.53 5.24
N ILE C 206 16.17 -34.40 5.73
CA ILE C 206 16.56 -35.03 7.01
C ILE C 206 16.77 -33.96 8.08
N GLY C 207 16.05 -34.10 9.19
CA GLY C 207 16.10 -33.12 10.28
C GLY C 207 15.43 -31.81 9.87
N GLY C 208 15.65 -30.76 10.66
CA GLY C 208 14.99 -29.49 10.39
C GLY C 208 15.97 -28.51 9.78
N LEU C 209 15.71 -27.23 10.00
CA LEU C 209 16.61 -26.17 9.54
C LEU C 209 17.72 -25.87 10.57
N ILE C 210 18.95 -25.82 10.07
CA ILE C 210 20.14 -25.60 10.87
C ILE C 210 20.35 -24.13 11.20
N ASP C 211 19.76 -23.26 10.40
CA ASP C 211 19.89 -21.83 10.62
C ASP C 211 18.70 -21.20 9.93
N SER C 212 18.68 -19.89 9.89
CA SER C 212 17.56 -19.22 9.27
C SER C 212 18.13 -17.99 8.64
N LYS C 213 17.80 -17.79 7.36
CA LYS C 213 18.30 -16.65 6.65
C LYS C 213 17.42 -16.33 5.45
N GLY C 214 17.90 -15.52 4.54
CA GLY C 214 17.05 -15.08 3.45
C GLY C 214 17.80 -14.90 2.17
N TYR C 215 17.06 -14.90 1.05
CA TYR C 215 17.56 -14.50 -0.26
C TYR C 215 17.24 -13.03 -0.51
N GLY C 216 18.15 -12.33 -1.15
CA GLY C 216 17.95 -10.92 -1.46
C GLY C 216 18.48 -10.62 -2.84
N ILE C 217 18.02 -9.54 -3.45
CA ILE C 217 18.58 -9.08 -4.71
C ILE C 217 19.92 -8.44 -4.39
N GLY C 218 20.96 -8.84 -5.11
CA GLY C 218 22.29 -8.27 -4.91
C GLY C 218 22.56 -7.09 -5.82
N THR C 219 23.24 -6.07 -5.32
CA THR C 219 23.69 -4.96 -6.15
C THR C 219 25.12 -4.64 -5.76
N PRO C 220 25.87 -3.92 -6.62
CA PRO C 220 27.16 -3.43 -6.13
C PRO C 220 26.99 -2.49 -4.96
N MET C 221 28.01 -2.42 -4.10
CA MET C 221 27.93 -1.52 -2.95
C MET C 221 27.76 -0.11 -3.45
N GLY C 222 26.87 0.64 -2.82
CA GLY C 222 26.57 1.99 -3.23
C GLY C 222 25.56 2.08 -4.37
N SER C 223 24.98 0.96 -4.80
CA SER C 223 24.04 1.02 -5.91
C SER C 223 22.88 1.98 -5.60
N PRO C 224 22.51 2.82 -6.57
CA PRO C 224 21.37 3.72 -6.38
C PRO C 224 20.05 3.02 -6.66
N TYR C 225 20.07 1.71 -6.90
CA TYR C 225 18.83 0.95 -7.06
C TYR C 225 18.42 0.16 -5.80
N ARG C 226 19.34 -0.07 -4.86
CA ARG C 226 19.06 -1.07 -3.85
C ARG C 226 17.85 -0.71 -3.00
N ASP C 227 17.76 0.55 -2.56
CA ASP C 227 16.67 0.94 -1.69
C ASP C 227 15.31 0.86 -2.41
N LYS C 228 15.24 1.28 -3.67
CA LYS C 228 14.00 1.16 -4.44
C LYS C 228 13.62 -0.29 -4.63
N ILE C 229 14.60 -1.17 -4.73
CA ILE C 229 14.26 -2.58 -4.88
C ILE C 229 13.69 -3.15 -3.58
N THR C 230 14.24 -2.72 -2.46
CA THR C 230 13.69 -3.11 -1.16
C THR C 230 12.24 -2.71 -1.08
N ILE C 231 11.97 -1.46 -1.43
CA ILE C 231 10.60 -0.95 -1.34
C ILE C 231 9.66 -1.77 -2.22
N ALA C 232 10.15 -2.15 -3.41
CA ALA C 232 9.31 -2.88 -4.35
C ALA C 232 9.03 -4.28 -3.79
N ILE C 233 10.04 -4.89 -3.18
CA ILE C 233 9.84 -6.23 -2.61
C ILE C 233 8.81 -6.14 -1.47
N LEU C 234 8.89 -5.09 -0.65
CA LEU C 234 7.93 -4.94 0.45
C LEU C 234 6.53 -4.71 -0.12
N GLN C 235 6.44 -4.00 -1.24
CA GLN C 235 5.16 -3.84 -1.93
C GLN C 235 4.61 -5.18 -2.45
N LEU C 236 5.44 -5.97 -3.10
CA LEU C 236 5.01 -7.26 -3.61
C LEU C 236 4.55 -8.15 -2.49
N GLN C 237 5.31 -8.15 -1.40
CA GLN C 237 4.89 -8.90 -0.22
C GLN C 237 3.54 -8.49 0.30
N GLU C 238 3.32 -7.20 0.49
CA GLU C 238 2.05 -6.71 0.97
C GLU C 238 0.86 -7.16 0.11
N GLU C 239 1.06 -7.22 -1.20
CA GLU C 239 0.01 -7.63 -2.14
C GLU C 239 -0.06 -9.15 -2.29
N ASP C 240 0.69 -9.89 -1.45
CA ASP C 240 0.71 -11.38 -1.47
C ASP C 240 1.30 -11.92 -2.76
N LYS C 241 1.99 -11.07 -3.50
CA LYS C 241 2.55 -11.50 -4.81
C LYS C 241 3.66 -12.54 -4.75
N LEU C 242 4.46 -12.55 -3.69
CA LEU C 242 5.55 -13.51 -3.58
C LEU C 242 5.01 -14.87 -3.19
N HIS C 243 3.90 -14.89 -2.47
CA HIS C 243 3.22 -16.14 -2.11
C HIS C 243 2.66 -16.72 -3.41
N ILE C 244 1.98 -15.90 -4.19
CA ILE C 244 1.44 -16.35 -5.47
C ILE C 244 2.55 -16.87 -6.39
N MET C 245 3.65 -16.13 -6.45
CA MET C 245 4.79 -16.51 -7.28
C MET C 245 5.36 -17.84 -6.82
N LYS C 246 5.45 -18.06 -5.52
CA LYS C 246 5.96 -19.33 -5.04
C LYS C 246 5.01 -20.45 -5.36
N GLU C 247 3.71 -20.24 -5.17
CA GLU C 247 2.77 -21.31 -5.41
C GLU C 247 2.81 -21.66 -6.89
N LYS C 248 3.11 -20.66 -7.73
CA LYS C 248 3.18 -20.90 -9.16
C LYS C 248 4.32 -21.88 -9.52
N TRP C 249 5.48 -21.70 -8.91
CA TRP C 249 6.68 -22.42 -9.34
C TRP C 249 6.98 -23.66 -8.53
N TRP C 250 6.44 -23.74 -7.32
CA TRP C 250 6.61 -24.93 -6.52
C TRP C 250 5.48 -25.94 -6.87
N ARG C 251 5.64 -26.64 -7.98
CA ARG C 251 4.71 -27.69 -8.41
C ARG C 251 3.42 -27.12 -8.99
N GLY C 252 2.59 -27.98 -9.60
CA GLY C 252 2.92 -29.38 -9.87
C GLY C 252 2.14 -30.40 -9.04
N SER C 253 2.59 -31.65 -9.10
CA SER C 253 1.92 -32.74 -8.40
C SER C 253 2.88 -33.89 -8.10
N GLY C 254 2.56 -34.66 -7.06
CA GLY C 254 3.34 -35.84 -6.71
C GLY C 254 3.69 -35.93 -5.23
N CYS C 255 4.03 -37.15 -4.82
CA CYS C 255 4.60 -37.40 -3.50
C CYS C 255 3.61 -37.14 -2.37
N SER D 2 -16.10 -10.95 -23.42
CA SER D 2 -14.92 -11.35 -22.65
C SER D 2 -13.78 -11.89 -23.54
N ASN D 3 -13.80 -13.19 -23.82
CA ASN D 3 -12.71 -13.88 -24.53
C ASN D 3 -11.47 -13.96 -23.64
N ARG D 4 -10.36 -14.44 -24.20
CA ARG D 4 -9.10 -14.50 -23.44
C ARG D 4 -8.47 -13.12 -23.33
N SER D 5 -8.01 -12.56 -24.44
CA SER D 5 -7.65 -11.16 -24.45
C SER D 5 -8.92 -10.30 -24.36
N LEU D 6 -8.88 -9.29 -23.51
CA LEU D 6 -9.99 -8.37 -23.41
C LEU D 6 -9.95 -7.38 -24.55
N ILE D 7 -11.12 -7.03 -25.08
CA ILE D 7 -11.23 -5.98 -26.09
C ILE D 7 -11.38 -4.62 -25.41
N VAL D 8 -10.46 -3.71 -25.73
CA VAL D 8 -10.49 -2.34 -25.21
C VAL D 8 -10.96 -1.37 -26.27
N THR D 9 -12.06 -0.68 -26.00
CA THR D 9 -12.51 0.36 -26.92
C THR D 9 -11.91 1.68 -26.47
N THR D 10 -11.54 2.52 -27.42
CA THR D 10 -10.99 3.82 -27.11
C THR D 10 -11.13 4.71 -28.33
N LEU D 11 -10.57 5.91 -28.28
CA LEU D 11 -10.57 6.73 -29.48
C LEU D 11 -9.43 7.71 -29.43
N LEU D 12 -9.07 8.29 -30.57
CA LEU D 12 -7.90 9.16 -30.57
C LEU D 12 -8.25 10.49 -29.91
N GLU D 13 -7.50 10.87 -28.88
CA GLU D 13 -7.75 12.15 -28.22
C GLU D 13 -6.46 12.54 -27.50
N GLU D 14 -5.84 13.63 -27.93
CA GLU D 14 -4.57 14.05 -27.33
C GLU D 14 -4.81 14.62 -25.93
N PRO D 15 -3.93 14.31 -24.97
CA PRO D 15 -2.77 13.42 -25.01
C PRO D 15 -3.07 12.04 -24.41
N PHE D 16 -4.35 11.66 -24.36
CA PHE D 16 -4.78 10.40 -23.74
C PHE D 16 -4.44 9.19 -24.65
N VAL D 17 -4.72 9.33 -25.94
CA VAL D 17 -4.50 8.25 -26.92
C VAL D 17 -4.11 8.86 -28.25
N MET D 18 -2.93 8.49 -28.73
CA MET D 18 -2.39 9.07 -29.94
C MET D 18 -1.67 7.99 -30.70
N PHE D 19 -1.53 8.17 -32.01
CA PHE D 19 -0.72 7.25 -32.81
C PHE D 19 0.72 7.59 -32.53
N ARG D 20 1.53 6.60 -32.17
CA ARG D 20 2.90 6.98 -31.89
C ARG D 20 3.63 7.16 -33.20
N LYS D 21 4.77 7.82 -33.12
CA LYS D 21 5.50 8.24 -34.31
C LYS D 21 6.45 7.14 -34.72
N SER D 22 6.49 6.83 -36.02
CA SER D 22 7.43 5.84 -36.49
C SER D 22 7.76 6.02 -37.95
N ASP D 23 8.81 5.33 -38.40
CA ASP D 23 9.24 5.41 -39.79
C ASP D 23 8.88 4.11 -40.54
N ARG D 24 7.94 3.37 -39.98
CA ARG D 24 7.34 2.22 -40.64
C ARG D 24 5.87 2.13 -40.24
N THR D 25 5.09 1.28 -40.92
CA THR D 25 3.71 1.09 -40.53
C THR D 25 3.66 0.22 -39.27
N LEU D 26 3.09 0.75 -38.19
CA LEU D 26 2.88 0.00 -36.93
C LEU D 26 1.52 -0.68 -36.92
N TYR D 27 1.35 -1.69 -36.08
CA TYR D 27 0.06 -2.39 -36.07
C TYR D 27 -0.25 -2.92 -34.70
N GLY D 28 -1.51 -3.26 -34.49
CA GLY D 28 -1.90 -3.82 -33.23
C GLY D 28 -1.76 -2.75 -32.16
N ASN D 29 -1.48 -3.18 -30.94
CA ASN D 29 -1.48 -2.25 -29.78
C ASN D 29 -0.29 -1.31 -29.84
N ASP D 30 0.77 -1.76 -30.49
CA ASP D 30 1.97 -0.96 -30.65
C ASP D 30 1.72 0.35 -31.43
N ARG D 31 0.56 0.50 -32.06
CA ARG D 31 0.24 1.74 -32.75
C ARG D 31 0.08 2.93 -31.80
N PHE D 32 -0.15 2.67 -30.52
CA PHE D 32 -0.71 3.75 -29.65
C PHE D 32 0.20 4.13 -28.49
N GLU D 33 0.01 5.37 -28.04
CA GLU D 33 0.80 5.99 -27.02
C GLU D 33 -0.16 6.96 -26.29
N GLY D 34 0.15 7.28 -25.04
CA GLY D 34 -0.58 8.34 -24.35
C GLY D 34 -0.86 8.01 -22.90
N TYR D 35 -1.40 9.00 -22.18
CA TYR D 35 -1.80 8.82 -20.80
C TYR D 35 -2.67 7.59 -20.62
N CYS D 36 -3.68 7.40 -21.47
CA CYS D 36 -4.62 6.31 -21.23
C CYS D 36 -4.03 4.98 -21.65
N ILE D 37 -3.07 5.01 -22.58
CA ILE D 37 -2.30 3.80 -22.92
C ILE D 37 -1.43 3.36 -21.72
N ASP D 38 -0.74 4.31 -21.10
CA ASP D 38 0.06 3.98 -19.90
C ASP D 38 -0.84 3.43 -18.79
N LEU D 39 -2.04 4.03 -18.61
CA LEU D 39 -2.99 3.56 -17.60
C LEU D 39 -3.41 2.12 -17.87
N LEU D 40 -3.75 1.86 -19.13
CA LEU D 40 -4.14 0.54 -19.56
C LEU D 40 -3.03 -0.45 -19.29
N LYS D 41 -1.79 -0.05 -19.54
CA LYS D 41 -0.66 -0.95 -19.29
C LYS D 41 -0.53 -1.30 -17.81
N GLU D 42 -0.78 -0.31 -16.94
CA GLU D 42 -0.72 -0.55 -15.50
C GLU D 42 -1.85 -1.51 -15.10
N LEU D 43 -3.07 -1.25 -15.60
CA LEU D 43 -4.18 -2.13 -15.27
C LEU D 43 -3.96 -3.56 -15.74
N ALA D 44 -3.51 -3.71 -16.97
CA ALA D 44 -3.26 -5.04 -17.51
C ALA D 44 -2.22 -5.78 -16.68
N HIS D 45 -1.23 -5.06 -16.15
CA HIS D 45 -0.21 -5.68 -15.32
C HIS D 45 -0.79 -6.08 -13.96
N ILE D 46 -1.51 -5.17 -13.33
CA ILE D 46 -2.08 -5.41 -12.02
C ILE D 46 -3.15 -6.51 -12.05
N LEU D 47 -4.05 -6.49 -13.04
CA LEU D 47 -5.10 -7.50 -13.07
C LEU D 47 -4.61 -8.78 -13.76
N GLY D 48 -3.54 -8.68 -14.52
CA GLY D 48 -3.06 -9.81 -15.29
C GLY D 48 -3.96 -10.22 -16.48
N PHE D 49 -4.24 -9.30 -17.40
CA PHE D 49 -4.95 -9.66 -18.61
C PHE D 49 -4.17 -9.21 -19.82
N SER D 50 -4.41 -9.89 -20.95
CA SER D 50 -3.95 -9.44 -22.27
C SER D 50 -5.08 -8.65 -22.85
N TYR D 51 -4.79 -7.84 -23.86
CA TYR D 51 -5.82 -7.05 -24.46
C TYR D 51 -5.50 -6.70 -25.91
N GLU D 52 -6.53 -6.28 -26.62
CA GLU D 52 -6.46 -5.76 -27.99
C GLU D 52 -7.23 -4.46 -28.05
N ILE D 53 -6.52 -3.39 -28.41
CA ILE D 53 -7.16 -2.08 -28.56
C ILE D 53 -7.85 -1.94 -29.91
N ARG D 54 -9.12 -1.52 -29.86
CA ARG D 54 -9.89 -1.20 -31.06
C ARG D 54 -10.49 0.19 -31.00
N LEU D 55 -10.18 1.02 -31.97
CA LEU D 55 -10.72 2.37 -32.00
C LEU D 55 -12.20 2.29 -32.30
N VAL D 56 -13.02 3.05 -31.57
CA VAL D 56 -14.47 3.04 -31.77
C VAL D 56 -14.85 3.55 -33.20
N GLU D 57 -15.60 2.74 -33.95
CA GLU D 57 -15.84 3.05 -35.39
C GLU D 57 -16.38 4.45 -35.64
N ASP D 58 -17.42 4.85 -34.92
CA ASP D 58 -18.03 6.16 -35.16
C ASP D 58 -17.28 7.35 -34.54
N GLY D 59 -16.20 7.07 -33.81
CA GLY D 59 -15.37 8.10 -33.21
C GLY D 59 -16.07 8.92 -32.12
N LYS D 60 -17.13 8.36 -31.54
CA LYS D 60 -17.90 9.09 -30.55
C LYS D 60 -17.68 8.55 -29.13
N TYR D 61 -17.92 9.40 -28.12
CA TYR D 61 -17.83 9.01 -26.72
C TYR D 61 -19.13 8.31 -26.36
N GLY D 62 -20.24 8.98 -26.63
CA GLY D 62 -21.52 8.31 -26.57
C GLY D 62 -22.60 9.18 -26.01
N ALA D 63 -23.73 9.21 -26.71
CA ALA D 63 -24.92 9.85 -26.18
C ALA D 63 -26.17 9.08 -26.63
N GLN D 64 -27.32 9.41 -26.03
CA GLN D 64 -28.60 8.79 -26.40
C GLN D 64 -29.39 9.61 -27.40
N ASP D 65 -29.93 8.95 -28.43
CA ASP D 65 -30.84 9.60 -29.37
C ASP D 65 -32.24 9.70 -28.75
N ASP D 66 -33.25 9.87 -29.60
CA ASP D 66 -34.64 10.10 -29.17
C ASP D 66 -35.22 8.91 -28.38
N LYS D 67 -35.20 7.73 -29.00
CA LYS D 67 -35.27 6.48 -28.25
C LYS D 67 -33.99 6.49 -27.41
N GLY D 68 -33.78 5.49 -26.56
CA GLY D 68 -32.59 5.45 -25.73
C GLY D 68 -31.36 4.86 -26.39
N GLN D 69 -31.29 4.89 -27.72
CA GLN D 69 -30.22 4.24 -28.47
C GLN D 69 -28.89 4.97 -28.31
N TRP D 70 -27.88 4.26 -27.79
CA TRP D 70 -26.58 4.88 -27.53
C TRP D 70 -25.71 4.76 -28.76
N ASN D 71 -24.67 5.59 -28.85
CA ASN D 71 -23.63 5.39 -29.85
C ASN D 71 -22.29 5.49 -29.16
N GLY D 72 -21.20 5.43 -29.93
CA GLY D 72 -19.88 5.68 -29.38
C GLY D 72 -19.39 4.56 -28.48
N MET D 73 -18.47 4.89 -27.58
CA MET D 73 -17.89 3.90 -26.70
C MET D 73 -18.95 3.32 -25.78
N VAL D 74 -19.88 4.15 -25.31
CA VAL D 74 -20.85 3.65 -24.35
C VAL D 74 -21.60 2.51 -25.03
N LYS D 75 -21.86 2.68 -26.32
CA LYS D 75 -22.62 1.70 -27.09
C LYS D 75 -21.83 0.40 -27.25
N GLU D 76 -20.53 0.52 -27.46
CA GLU D 76 -19.69 -0.68 -27.61
C GLU D 76 -19.73 -1.49 -26.31
N LEU D 77 -19.85 -0.81 -25.17
CA LEU D 77 -19.91 -1.52 -23.89
C LEU D 77 -21.29 -2.14 -23.69
N ILE D 78 -22.35 -1.39 -24.02
CA ILE D 78 -23.72 -1.91 -23.86
C ILE D 78 -23.86 -3.21 -24.64
N ASP D 79 -23.39 -3.19 -25.88
CA ASP D 79 -23.55 -4.30 -26.81
C ASP D 79 -22.51 -5.42 -26.56
N HIS D 80 -21.63 -5.22 -25.59
CA HIS D 80 -20.59 -6.19 -25.22
C HIS D 80 -19.65 -6.47 -26.37
N LYS D 81 -19.48 -5.48 -27.24
CA LYS D 81 -18.45 -5.54 -28.28
C LYS D 81 -17.06 -5.27 -27.69
N ALA D 82 -17.03 -4.68 -26.51
CA ALA D 82 -15.78 -4.37 -25.82
C ALA D 82 -15.92 -4.69 -24.33
N ASP D 83 -14.82 -5.10 -23.71
CA ASP D 83 -14.78 -5.42 -22.28
C ASP D 83 -14.52 -4.18 -21.42
N LEU D 84 -13.68 -3.27 -21.89
CA LEU D 84 -13.39 -2.05 -21.14
C LEU D 84 -13.36 -0.90 -22.10
N ALA D 85 -13.76 0.29 -21.62
CA ALA D 85 -13.44 1.53 -22.32
C ALA D 85 -12.33 2.23 -21.54
N VAL D 86 -11.18 2.44 -22.17
CA VAL D 86 -10.06 3.13 -21.53
C VAL D 86 -9.79 4.41 -22.30
N ALA D 87 -10.25 5.52 -21.73
CA ALA D 87 -10.35 6.77 -22.48
C ALA D 87 -10.73 7.85 -21.50
N PRO D 88 -10.65 9.10 -21.92
CA PRO D 88 -11.13 10.13 -20.99
C PRO D 88 -12.65 10.12 -21.01
N LEU D 89 -13.22 9.07 -20.44
CA LEU D 89 -14.66 8.86 -20.48
C LEU D 89 -15.30 9.46 -19.26
N THR D 90 -16.17 10.45 -19.45
CA THR D 90 -16.76 11.17 -18.32
C THR D 90 -17.83 10.38 -17.57
N ILE D 91 -17.73 10.35 -16.23
CA ILE D 91 -18.71 9.70 -15.35
C ILE D 91 -19.92 10.59 -15.15
N THR D 92 -21.05 10.18 -15.71
CA THR D 92 -22.30 10.91 -15.58
C THR D 92 -23.42 10.00 -15.14
N HIS D 93 -24.41 10.58 -14.46
CA HIS D 93 -25.60 9.85 -14.05
C HIS D 93 -26.18 8.97 -15.16
N VAL D 94 -26.53 9.58 -16.29
CA VAL D 94 -27.18 8.82 -17.35
C VAL D 94 -26.33 7.66 -17.87
N ARG D 95 -25.01 7.80 -17.87
CA ARG D 95 -24.18 6.72 -18.35
C ARG D 95 -24.11 5.65 -17.26
N GLU D 96 -24.02 6.08 -16.01
CA GLU D 96 -23.93 5.12 -14.92
C GLU D 96 -25.14 4.16 -14.91
N LYS D 97 -26.14 4.44 -15.72
CA LYS D 97 -27.33 3.60 -15.72
C LYS D 97 -27.31 2.64 -16.88
N ALA D 98 -26.37 2.82 -17.81
CA ALA D 98 -26.23 1.88 -18.92
C ALA D 98 -24.93 1.08 -18.82
N ILE D 99 -23.89 1.66 -18.22
CA ILE D 99 -22.64 0.94 -17.98
C ILE D 99 -22.14 1.17 -16.55
N ASP D 100 -21.09 0.43 -16.18
CA ASP D 100 -20.40 0.63 -14.91
C ASP D 100 -19.10 1.40 -15.11
N PHE D 101 -18.71 2.18 -14.09
CA PHE D 101 -17.46 2.91 -14.11
C PHE D 101 -16.62 2.54 -12.91
N SER D 102 -15.30 2.55 -13.08
CA SER D 102 -14.39 2.54 -11.96
C SER D 102 -14.55 3.81 -11.16
N LYS D 103 -14.01 3.84 -9.96
CA LYS D 103 -13.70 5.11 -9.33
C LYS D 103 -12.88 5.99 -10.32
N PRO D 104 -12.96 7.32 -10.18
CA PRO D 104 -12.33 8.24 -11.15
C PRO D 104 -10.82 8.21 -11.10
N PHE D 105 -10.17 8.23 -12.25
CA PHE D 105 -8.70 8.31 -12.30
C PHE D 105 -8.25 9.75 -12.57
N MET D 106 -9.20 10.63 -12.88
CA MET D 106 -8.83 12.03 -13.12
C MET D 106 -10.04 12.92 -12.88
N THR D 107 -9.85 14.07 -12.24
CA THR D 107 -10.94 15.00 -12.02
C THR D 107 -10.87 16.18 -12.99
N LEU D 108 -12.01 16.73 -13.39
CA LEU D 108 -12.01 17.78 -14.39
C LEU D 108 -13.31 18.54 -14.30
N GLY D 109 -13.46 19.56 -15.11
CA GLY D 109 -14.73 20.24 -15.18
C GLY D 109 -14.85 20.89 -16.54
N VAL D 110 -16.07 21.22 -16.92
CA VAL D 110 -16.28 22.01 -18.12
C VAL D 110 -15.78 23.45 -17.98
N SER D 111 -15.14 23.94 -19.04
CA SER D 111 -14.66 25.31 -19.06
C SER D 111 -14.66 25.78 -20.52
N ILE D 112 -13.94 26.85 -20.80
CA ILE D 112 -14.01 27.51 -22.10
C ILE D 112 -12.62 27.69 -22.64
N LEU D 113 -12.44 27.26 -23.89
CA LEU D 113 -11.22 27.49 -24.65
C LEU D 113 -11.47 28.59 -25.67
N TYR D 114 -10.57 29.57 -25.74
CA TYR D 114 -10.81 30.74 -26.64
C TYR D 114 -9.50 31.48 -26.89
N ARG D 115 -9.46 32.35 -27.89
CA ARG D 115 -8.24 33.15 -28.11
C ARG D 115 -7.98 34.09 -26.92
N LYS D 116 -6.70 34.38 -26.68
CA LYS D 116 -6.32 35.36 -25.67
C LYS D 116 -6.76 36.77 -26.10
N GLY D 117 -6.74 37.71 -25.17
CA GLY D 117 -6.88 39.12 -25.50
C GLY D 117 -8.26 39.70 -25.28
N THR D 118 -9.25 39.11 -25.94
CA THR D 118 -10.65 39.50 -25.79
C THR D 118 -11.01 39.86 -24.34
N PRO D 119 -12.04 40.69 -24.15
CA PRO D 119 -12.49 41.04 -22.80
C PRO D 119 -13.38 39.95 -22.18
N ILE D 120 -13.65 38.89 -22.93
CA ILE D 120 -14.50 37.82 -22.45
C ILE D 120 -13.86 37.22 -21.23
N ASP D 121 -14.66 36.88 -20.23
CA ASP D 121 -14.13 36.47 -18.94
C ASP D 121 -14.92 35.31 -18.27
N SER D 122 -16.07 34.98 -18.82
CA SER D 122 -16.90 33.94 -18.21
C SER D 122 -17.94 33.44 -19.20
N ALA D 123 -18.62 32.35 -18.86
CA ALA D 123 -19.74 31.86 -19.65
C ALA D 123 -20.83 32.92 -19.76
N ASP D 124 -21.05 33.68 -18.70
CA ASP D 124 -22.11 34.70 -18.72
C ASP D 124 -21.82 35.60 -19.91
N ASP D 125 -20.57 36.04 -20.02
CA ASP D 125 -20.21 36.96 -21.09
C ASP D 125 -20.63 36.41 -22.44
N LEU D 126 -20.27 35.15 -22.74
CA LEU D 126 -20.62 34.56 -24.03
C LEU D 126 -22.13 34.46 -24.22
N ALA D 127 -22.83 34.09 -23.15
CA ALA D 127 -24.27 33.84 -23.25
C ALA D 127 -25.05 35.07 -23.73
N LYS D 128 -24.65 36.24 -23.24
CA LYS D 128 -25.36 37.45 -23.61
C LYS D 128 -25.19 37.71 -25.09
N GLN D 129 -23.95 37.96 -25.49
CA GLN D 129 -23.62 38.41 -26.84
C GLN D 129 -23.85 37.32 -27.89
N THR D 130 -23.68 37.68 -29.17
CA THR D 130 -24.03 36.80 -30.28
C THR D 130 -23.03 36.76 -31.47
N LYS D 131 -22.05 37.66 -31.49
CA LYS D 131 -21.07 37.65 -32.57
C LYS D 131 -20.17 36.44 -32.44
N ILE D 132 -19.64 36.24 -31.24
CA ILE D 132 -18.78 35.09 -30.96
C ILE D 132 -19.62 33.83 -30.87
N GLU D 133 -19.37 32.85 -31.74
CA GLU D 133 -20.09 31.59 -31.68
C GLU D 133 -19.44 30.69 -30.64
N TYR D 134 -20.14 29.64 -30.21
CA TYR D 134 -19.56 28.70 -29.27
C TYR D 134 -20.28 27.38 -29.38
N GLY D 135 -19.62 26.30 -29.01
CA GLY D 135 -20.24 25.00 -29.07
C GLY D 135 -19.48 23.99 -28.26
N ALA D 136 -19.69 22.71 -28.57
CA ALA D 136 -19.08 21.61 -27.85
C ALA D 136 -18.99 20.39 -28.77
N VAL D 137 -18.39 19.31 -28.29
CA VAL D 137 -18.25 18.10 -29.10
C VAL D 137 -19.60 17.39 -29.13
N LYS D 138 -20.03 17.03 -30.33
CA LYS D 138 -21.32 16.41 -30.54
C LYS D 138 -21.33 15.04 -29.90
N ASP D 139 -22.38 14.77 -29.14
CA ASP D 139 -22.57 13.44 -28.57
C ASP D 139 -21.49 13.15 -27.50
N GLY D 140 -20.99 14.20 -26.88
CA GLY D 140 -20.13 14.06 -25.73
C GLY D 140 -20.82 14.58 -24.49
N ALA D 141 -20.19 14.35 -23.35
CA ALA D 141 -20.76 14.71 -22.08
C ALA D 141 -20.93 16.22 -21.95
N THR D 142 -20.06 17.03 -22.55
CA THR D 142 -20.23 18.47 -22.42
C THR D 142 -21.51 18.91 -23.07
N MET D 143 -21.76 18.42 -24.29
CA MET D 143 -23.00 18.73 -24.99
C MET D 143 -24.20 18.38 -24.12
N THR D 144 -24.17 17.18 -23.55
CA THR D 144 -25.31 16.69 -22.79
C THR D 144 -25.56 17.56 -21.54
N PHE D 145 -24.49 17.98 -20.87
CA PHE D 145 -24.59 18.87 -19.71
C PHE D 145 -25.41 20.12 -20.06
N PHE D 146 -25.05 20.74 -21.19
CA PHE D 146 -25.76 21.95 -21.65
C PHE D 146 -27.20 21.63 -22.03
N LYS D 147 -27.41 20.53 -22.73
CA LYS D 147 -28.76 20.16 -23.09
C LYS D 147 -29.60 20.07 -21.81
N LYS D 148 -29.17 19.26 -20.87
CA LYS D 148 -29.97 18.97 -19.67
C LYS D 148 -30.02 20.09 -18.61
N SER D 149 -29.23 21.15 -18.77
CA SER D 149 -29.12 22.14 -17.71
C SER D 149 -30.40 22.94 -17.50
N LYS D 150 -30.62 23.39 -16.27
CA LYS D 150 -31.73 24.31 -15.99
C LYS D 150 -31.25 25.64 -15.39
N ILE D 151 -29.94 25.86 -15.42
CA ILE D 151 -29.37 27.15 -15.04
C ILE D 151 -29.59 28.14 -16.20
N SER D 152 -30.09 29.33 -15.88
CA SER D 152 -30.45 30.31 -16.90
C SER D 152 -29.37 30.45 -17.97
N THR D 153 -28.16 30.82 -17.55
CA THR D 153 -27.06 31.03 -18.49
C THR D 153 -26.80 29.82 -19.40
N PHE D 154 -26.83 28.61 -18.86
CA PHE D 154 -26.49 27.44 -19.66
C PHE D 154 -27.65 27.06 -20.56
N GLU D 155 -28.88 27.38 -20.14
CA GLU D 155 -30.04 27.16 -20.99
C GLU D 155 -30.00 28.03 -22.23
N LYS D 156 -29.61 29.29 -22.05
CA LYS D 156 -29.46 30.22 -23.15
C LYS D 156 -28.39 29.67 -24.10
N MET D 157 -27.30 29.20 -23.52
CA MET D 157 -26.19 28.72 -24.31
C MET D 157 -26.59 27.52 -25.14
N TRP D 158 -27.35 26.61 -24.55
CA TRP D 158 -27.82 25.44 -25.29
C TRP D 158 -28.74 25.87 -26.40
N ALA D 159 -29.53 26.91 -26.14
CA ALA D 159 -30.50 27.38 -27.12
C ALA D 159 -29.77 27.75 -28.40
N PHE D 160 -28.64 28.46 -28.25
CA PHE D 160 -27.80 28.78 -29.39
C PHE D 160 -27.23 27.53 -30.06
N MET D 161 -26.48 26.75 -29.30
CA MET D 161 -25.76 25.60 -29.85
C MET D 161 -26.64 24.64 -30.61
N SER D 162 -27.84 24.42 -30.09
CA SER D 162 -28.79 23.48 -30.66
C SER D 162 -29.43 24.03 -31.92
N SER D 163 -29.35 25.34 -32.10
CA SER D 163 -29.97 26.00 -33.26
C SER D 163 -29.03 26.01 -34.44
N LYS D 164 -27.76 26.23 -34.16
CA LYS D 164 -26.72 26.23 -35.18
C LYS D 164 -26.46 24.83 -35.74
N PRO D 165 -26.29 24.73 -37.06
CA PRO D 165 -25.88 23.48 -37.71
C PRO D 165 -24.43 23.15 -37.41
N SER D 166 -23.66 24.20 -37.17
CA SER D 166 -22.21 24.10 -37.13
C SER D 166 -21.59 24.22 -35.74
N ALA D 167 -22.39 24.61 -34.75
CA ALA D 167 -21.81 24.89 -33.43
C ALA D 167 -21.10 23.66 -32.86
N LEU D 168 -21.71 22.49 -33.07
CA LEU D 168 -21.22 21.25 -32.47
C LEU D 168 -20.17 20.67 -33.37
N VAL D 169 -19.00 20.35 -32.84
CA VAL D 169 -17.94 19.85 -33.69
C VAL D 169 -17.84 18.35 -33.51
N LYS D 170 -17.22 17.67 -34.47
CA LYS D 170 -17.08 16.22 -34.40
C LYS D 170 -16.18 15.74 -33.24
N ASN D 171 -15.16 16.51 -32.92
CA ASN D 171 -14.23 16.10 -31.88
C ASN D 171 -13.42 17.28 -31.38
N ASN D 172 -12.61 17.06 -30.35
CA ASN D 172 -11.84 18.15 -29.76
C ASN D 172 -11.04 18.85 -30.85
N GLU D 173 -10.36 18.08 -31.67
CA GLU D 173 -9.49 18.64 -32.68
C GLU D 173 -10.22 19.60 -33.65
N GLU D 174 -11.40 19.24 -34.13
CA GLU D 174 -12.14 20.18 -35.00
C GLU D 174 -12.42 21.47 -34.24
N GLY D 175 -12.83 21.31 -32.98
CA GLY D 175 -13.19 22.46 -32.17
C GLY D 175 -12.02 23.39 -31.92
N ILE D 176 -10.87 22.82 -31.61
CA ILE D 176 -9.67 23.62 -31.36
C ILE D 176 -9.30 24.40 -32.62
N GLN D 177 -9.36 23.73 -33.74
CA GLN D 177 -9.04 24.39 -35.00
C GLN D 177 -10.02 25.52 -35.28
N ARG D 178 -11.29 25.30 -34.93
CA ARG D 178 -12.32 26.32 -35.09
C ARG D 178 -11.98 27.54 -34.24
N THR D 179 -11.51 27.32 -33.01
CA THR D 179 -11.07 28.40 -32.13
C THR D 179 -9.92 29.19 -32.74
N LEU D 180 -9.05 28.52 -33.49
CA LEU D 180 -7.93 29.20 -34.15
C LEU D 180 -8.35 29.78 -35.50
N THR D 181 -9.52 29.38 -35.99
CA THR D 181 -9.92 29.68 -37.38
C THR D 181 -10.99 30.76 -37.49
N ALA D 182 -11.87 30.82 -36.48
CA ALA D 182 -12.98 31.76 -36.50
C ALA D 182 -13.21 32.32 -35.09
N ASP D 183 -14.14 33.25 -34.96
CA ASP D 183 -14.40 33.85 -33.65
C ASP D 183 -15.30 32.89 -32.92
N TYR D 184 -14.69 31.94 -32.23
CA TYR D 184 -15.39 30.77 -31.72
C TYR D 184 -14.78 30.28 -30.43
N ALA D 185 -15.63 29.93 -29.48
CA ALA D 185 -15.18 29.43 -28.21
C ALA D 185 -15.67 27.99 -28.08
N LEU D 186 -14.82 27.11 -27.54
CA LEU D 186 -15.19 25.72 -27.40
C LEU D 186 -15.40 25.40 -25.92
N LEU D 187 -16.58 24.85 -25.60
CA LEU D 187 -16.82 24.33 -24.27
C LEU D 187 -16.23 22.94 -24.25
N MET D 188 -15.35 22.73 -23.27
CA MET D 188 -14.39 21.62 -23.32
C MET D 188 -13.98 21.30 -21.90
N GLU D 189 -13.55 20.07 -21.69
CA GLU D 189 -13.17 19.67 -20.34
C GLU D 189 -11.81 20.23 -19.94
N SER D 190 -11.71 20.60 -18.67
CA SER D 190 -10.63 21.44 -18.18
C SER D 190 -9.22 20.85 -18.34
N THR D 191 -9.03 19.56 -18.13
CA THR D 191 -7.65 19.05 -18.26
C THR D 191 -7.19 19.00 -19.73
N THR D 192 -8.11 18.91 -20.66
CA THR D 192 -7.74 19.00 -22.06
C THR D 192 -7.36 20.46 -22.36
N ILE D 193 -8.12 21.41 -21.84
CA ILE D 193 -7.76 22.82 -21.99
C ILE D 193 -6.35 23.09 -21.48
N GLU D 194 -6.03 22.58 -20.30
CA GLU D 194 -4.70 22.71 -19.72
C GLU D 194 -3.59 22.14 -20.62
N TYR D 195 -3.84 21.00 -21.25
CA TYR D 195 -2.91 20.49 -22.26
C TYR D 195 -2.73 21.42 -23.46
N ILE D 196 -3.84 21.88 -24.01
CA ILE D 196 -3.81 22.68 -25.22
C ILE D 196 -3.19 24.05 -24.96
N THR D 197 -3.50 24.66 -23.81
CA THR D 197 -3.04 26.03 -23.61
C THR D 197 -1.55 26.07 -23.33
N GLN D 198 -0.97 24.95 -22.96
CA GLN D 198 0.45 24.88 -22.72
C GLN D 198 1.19 24.74 -24.06
N ARG D 199 0.47 24.48 -25.16
CA ARG D 199 1.11 24.28 -26.46
C ARG D 199 0.71 25.37 -27.46
N ASN D 200 -0.52 25.83 -27.36
CA ASN D 200 -0.99 26.89 -28.24
C ASN D 200 -1.06 28.17 -27.42
N CYS D 201 -0.03 29.01 -27.57
CA CYS D 201 0.19 30.13 -26.67
C CYS D 201 -0.76 31.30 -26.96
N ASN D 202 -1.51 31.22 -28.04
CA ASN D 202 -2.48 32.26 -28.34
C ASN D 202 -3.90 31.87 -27.93
N LEU D 203 -4.04 30.72 -27.25
CA LEU D 203 -5.34 30.28 -26.73
C LEU D 203 -5.27 30.29 -25.23
N THR D 204 -6.42 30.42 -24.58
CA THR D 204 -6.45 30.45 -23.13
C THR D 204 -7.77 29.90 -22.60
N GLN D 205 -7.79 29.56 -21.31
CA GLN D 205 -9.03 29.23 -20.63
C GLN D 205 -9.76 30.53 -20.27
N ILE D 206 -11.06 30.57 -20.53
CA ILE D 206 -11.92 31.66 -20.10
C ILE D 206 -12.71 31.22 -18.85
N GLY D 207 -12.59 31.94 -17.75
CA GLY D 207 -13.38 31.60 -16.57
C GLY D 207 -12.84 30.38 -15.87
N GLY D 208 -13.61 29.83 -14.95
CA GLY D 208 -13.18 28.69 -14.18
C GLY D 208 -13.94 27.46 -14.64
N LEU D 209 -14.01 26.47 -13.77
CA LEU D 209 -14.73 25.23 -14.06
C LEU D 209 -16.18 25.38 -13.67
N ILE D 210 -17.06 24.94 -14.56
CA ILE D 210 -18.51 25.14 -14.44
C ILE D 210 -19.16 24.03 -13.65
N ASP D 211 -18.51 22.88 -13.60
CA ASP D 211 -18.95 21.77 -12.78
C ASP D 211 -17.72 21.00 -12.36
N SER D 212 -17.93 19.87 -11.72
CA SER D 212 -16.80 19.11 -11.27
C SER D 212 -17.16 17.63 -11.39
N LYS D 213 -16.31 16.88 -12.09
CA LYS D 213 -16.63 15.49 -12.36
C LYS D 213 -15.32 14.75 -12.54
N GLY D 214 -15.40 13.51 -13.01
CA GLY D 214 -14.23 12.69 -13.15
C GLY D 214 -14.31 11.79 -14.37
N TYR D 215 -13.17 11.25 -14.78
CA TYR D 215 -13.10 10.23 -15.84
C TYR D 215 -12.95 8.86 -15.19
N GLY D 216 -13.58 7.84 -15.72
CA GLY D 216 -13.41 6.51 -15.17
C GLY D 216 -13.29 5.49 -16.30
N ILE D 217 -12.75 4.32 -15.98
CA ILE D 217 -12.74 3.19 -16.88
C ILE D 217 -14.15 2.65 -17.00
N GLY D 218 -14.64 2.50 -18.21
CA GLY D 218 -15.99 1.97 -18.43
C GLY D 218 -16.01 0.46 -18.64
N THR D 219 -17.03 -0.22 -18.13
CA THR D 219 -17.20 -1.64 -18.39
C THR D 219 -18.69 -1.87 -18.58
N PRO D 220 -19.06 -2.95 -19.24
CA PRO D 220 -20.47 -3.28 -19.34
C PRO D 220 -21.01 -3.54 -17.95
N MET D 221 -22.30 -3.33 -17.77
CA MET D 221 -22.89 -3.58 -16.46
C MET D 221 -22.72 -5.06 -16.10
N GLY D 222 -22.34 -5.33 -14.86
CA GLY D 222 -22.12 -6.70 -14.43
C GLY D 222 -20.73 -7.26 -14.73
N SER D 223 -19.83 -6.45 -15.27
CA SER D 223 -18.50 -6.95 -15.60
C SER D 223 -17.79 -7.49 -14.39
N PRO D 224 -17.17 -8.67 -14.53
CA PRO D 224 -16.36 -9.19 -13.43
C PRO D 224 -15.03 -8.46 -13.26
N TYR D 225 -14.79 -7.39 -14.02
CA TYR D 225 -13.56 -6.64 -13.86
C TYR D 225 -13.67 -5.27 -13.17
N ARG D 226 -14.87 -4.70 -13.02
CA ARG D 226 -14.89 -3.30 -12.60
C ARG D 226 -14.33 -3.10 -11.20
N ASP D 227 -14.69 -3.97 -10.27
CA ASP D 227 -14.16 -3.82 -8.89
C ASP D 227 -12.64 -3.94 -8.80
N LYS D 228 -12.06 -4.97 -9.42
CA LYS D 228 -10.61 -5.07 -9.49
C LYS D 228 -9.96 -3.85 -10.11
N ILE D 229 -10.61 -3.27 -11.12
CA ILE D 229 -10.06 -2.08 -11.73
C ILE D 229 -10.11 -0.90 -10.79
N THR D 230 -11.20 -0.76 -10.03
CA THR D 230 -11.27 0.32 -9.06
C THR D 230 -10.15 0.16 -8.01
N ILE D 231 -9.95 -1.05 -7.51
CA ILE D 231 -8.87 -1.28 -6.57
C ILE D 231 -7.51 -0.93 -7.20
N ALA D 232 -7.32 -1.25 -8.48
CA ALA D 232 -6.06 -0.91 -9.16
C ALA D 232 -5.85 0.59 -9.24
N ILE D 233 -6.89 1.32 -9.59
CA ILE D 233 -6.76 2.78 -9.68
C ILE D 233 -6.43 3.37 -8.27
N LEU D 234 -7.05 2.84 -7.23
CA LEU D 234 -6.78 3.35 -5.88
C LEU D 234 -5.33 3.04 -5.53
N GLN D 235 -4.87 1.87 -5.94
CA GLN D 235 -3.51 1.47 -5.69
C GLN D 235 -2.55 2.40 -6.41
N LEU D 236 -2.83 2.71 -7.67
CA LEU D 236 -1.98 3.61 -8.44
C LEU D 236 -2.00 5.01 -7.83
N GLN D 237 -3.18 5.46 -7.40
CA GLN D 237 -3.25 6.77 -6.77
C GLN D 237 -2.40 6.83 -5.52
N GLU D 238 -2.42 5.76 -4.73
CA GLU D 238 -1.72 5.75 -3.46
C GLU D 238 -0.23 5.87 -3.66
N GLU D 239 0.26 5.37 -4.78
CA GLU D 239 1.67 5.44 -5.10
C GLU D 239 2.03 6.68 -5.90
N ASP D 240 1.09 7.63 -6.06
CA ASP D 240 1.35 8.86 -6.83
C ASP D 240 1.57 8.62 -8.31
N LYS D 241 1.24 7.43 -8.79
CA LYS D 241 1.54 7.09 -10.19
C LYS D 241 0.68 7.87 -11.23
N LEU D 242 -0.53 8.27 -10.88
CA LEU D 242 -1.36 9.01 -11.85
C LEU D 242 -0.89 10.47 -11.94
N HIS D 243 -0.35 10.98 -10.83
CA HIS D 243 0.33 12.28 -10.83
C HIS D 243 1.51 12.18 -11.77
N ILE D 244 2.36 11.17 -11.59
CA ILE D 244 3.54 10.99 -12.45
C ILE D 244 3.11 10.85 -13.91
N MET D 245 2.06 10.08 -14.15
CA MET D 245 1.62 9.85 -15.54
C MET D 245 1.11 11.16 -16.14
N LYS D 246 0.40 11.96 -15.35
CA LYS D 246 -0.15 13.18 -15.89
C LYS D 246 0.97 14.11 -16.24
N GLU D 247 1.96 14.22 -15.35
CA GLU D 247 3.11 15.08 -15.60
C GLU D 247 3.88 14.60 -16.85
N LYS D 248 3.93 13.30 -17.08
CA LYS D 248 4.62 12.79 -18.28
C LYS D 248 3.98 13.33 -19.57
N TRP D 249 2.65 13.33 -19.66
CA TRP D 249 1.97 13.59 -20.93
C TRP D 249 1.52 15.05 -21.08
N TRP D 250 1.43 15.78 -19.98
CA TRP D 250 1.07 17.18 -20.05
C TRP D 250 2.36 18.00 -20.08
N ARG D 251 3.09 17.96 -21.18
CA ARG D 251 4.37 18.64 -21.23
C ARG D 251 4.24 19.94 -22.00
N GLY D 252 4.42 19.86 -23.32
CA GLY D 252 4.46 21.06 -24.15
C GLY D 252 5.57 22.01 -23.75
N SER D 253 5.63 23.15 -24.42
CA SER D 253 6.62 24.18 -24.07
C SER D 253 6.08 25.54 -24.44
N GLY D 254 6.47 26.55 -23.67
CA GLY D 254 5.97 27.89 -23.87
C GLY D 254 4.71 28.12 -23.07
N CYS D 255 4.11 29.28 -23.27
CA CYS D 255 2.91 29.65 -22.54
C CYS D 255 3.15 29.57 -21.03
N GLU E . 0.43 20.51 8.30
CA GLU E . 0.21 21.70 7.44
C GLU E . 1.36 21.86 6.47
O GLU E . 2.21 20.96 6.39
CB GLU E . 0.07 22.95 8.30
CG GLU E . -1.32 22.98 8.98
CD GLU E . -2.46 23.25 7.98
OE1 GLU E . -2.17 23.75 6.86
OE2 GLU E . -3.64 22.98 8.33
OXT GLU E . 1.43 22.86 5.76
H1 GLU E . -0.34 19.94 8.24
H2 GLU E . 1.21 20.04 7.99
H GLU E . 0.55 20.79 9.20
HA GLU E . -0.61 21.58 6.92
HB2 GLU E . 0.74 22.95 9.01
HB3 GLU E . 0.17 23.74 7.75
HG2 GLU E . -1.50 22.12 9.39
HG3 GLU E . -1.34 23.68 9.65
ZN ZN F . -4.18 0.73 19.91
ZN ZN G . 21.96 19.35 -0.36
ZN ZN H . 15.86 -1.69 17.69
N GLU I . -7.36 -14.14 15.74
CA GLU I . -6.90 -15.52 15.73
C GLU I . -7.40 -16.30 14.53
O GLU I . -7.99 -15.69 13.65
CB GLU I . -7.34 -16.21 17.00
CG GLU I . -6.48 -15.81 18.19
CD GLU I . -5.08 -16.40 18.11
OE1 GLU I . -4.86 -17.36 17.31
OE2 GLU I . -4.20 -15.89 18.85
OXT GLU I . -7.24 -17.54 14.44
HA GLU I . -5.91 -15.53 15.71
HB2 GLU I . -8.27 -15.96 17.19
HB3 GLU I . -7.27 -17.17 16.88
HG2 GLU I . -6.40 -14.84 18.21
HG3 GLU I . -6.90 -16.13 19.01
ZN ZN J . -6.41 9.43 16.87
ZN ZN K . -21.78 -19.30 -0.62
S SO4 L . -22.55 8.17 4.05
O1 SO4 L . -21.60 9.02 3.35
O2 SO4 L . -22.90 7.00 3.22
O3 SO4 L . -21.97 7.68 5.30
O4 SO4 L . -23.76 8.95 4.32
N GLU M . 21.93 -19.84 -2.40
CA GLU M . 23.34 -20.19 -2.16
C GLU M . 24.25 -18.97 -2.28
O GLU M . 23.76 -17.84 -2.37
CB GLU M . 23.79 -21.34 -3.09
CG GLU M . 23.20 -22.67 -2.60
CD GLU M . 23.88 -23.18 -1.28
OE1 GLU M . 24.95 -22.66 -0.90
OE2 GLU M . 23.34 -24.14 -0.68
OXT GLU M . 25.49 -19.08 -2.20
HA GLU M . 23.42 -20.51 -1.24
HB2 GLU M . 23.47 -21.18 -3.99
HB3 GLU M . 24.76 -21.42 -3.07
HG2 GLU M . 22.25 -22.54 -2.42
HG3 GLU M . 23.32 -23.34 -3.29
ZN ZN N . -0.53 -15.33 0.95
ZN ZN O . 2.10 -6.26 5.76
ZN ZN P . 3.25 -6.20 -10.18
ZN ZN Q . 30.66 1.21 -12.11
S SO4 R . 6.87 -19.61 -28.21
O1 SO4 R . 7.43 -18.26 -28.20
O2 SO4 R . 7.93 -20.57 -28.51
O3 SO4 R . 6.29 -19.93 -26.91
O4 SO4 R . 5.82 -19.68 -29.23
N GLU S . -14.95 13.39 -22.11
CA GLU S . -16.23 13.61 -22.80
C GLU S . -17.13 12.37 -22.78
O GLU S . -16.82 11.36 -22.17
CB GLU S . -16.01 14.04 -24.25
CG GLU S . -15.56 15.46 -24.38
CD GLU S . -16.63 16.48 -23.99
OE1 GLU S . -17.83 16.12 -24.01
OE2 GLU S . -16.26 17.64 -23.71
OXT GLU S . -18.20 12.38 -23.38
HA GLU S . -16.72 14.32 -22.35
HB2 GLU S . -15.33 13.47 -24.64
HB3 GLU S . -16.85 13.94 -24.73
HG2 GLU S . -14.79 15.60 -23.81
HG3 GLU S . -15.32 15.62 -25.31
ZN ZN T . 1.81 13.63 -6.42
ZN ZN U . -4.23 7.65 0.22
ZN ZN V . 2.43 -0.83 -11.80
ZN ZN W . -22.46 -10.36 -23.48
CL CL X . 9.89 1.55 -33.20
#